data_8ILQ
#
_entry.id   8ILQ
#
_cell.length_a   1.00
_cell.length_b   1.00
_cell.length_c   1.00
_cell.angle_alpha   90.00
_cell.angle_beta   90.00
_cell.angle_gamma   90.00
#
_symmetry.space_group_name_H-M   'P 1'
#
loop_
_entity.id
_entity.type
_entity.pdbx_description
1 polymer 'Envelopment polyprotein'
2 polymer 'Envelopment polyprotein'
3 branched 2-acetamido-2-deoxy-beta-D-glucopyranose-(1-4)-2-acetamido-2-deoxy-beta-D-glucopyranose
4 non-polymer 2-acetamido-2-deoxy-beta-D-glucopyranose
#
loop_
_entity_poly.entity_id
_entity_poly.type
_entity_poly.pdbx_seq_one_letter_code
_entity_poly.pdbx_strand_id
1 'polypeptide(L)'
;MMKVIWFSSLICLVIQCGGDSGPIICAGPIHSNKSANIPHLLGYSEKICQIDRLIHVSSWLRNHSQFQGYVGQRGGRSQV
SYYPAENSYSRWSGLLSPCDADWLGMLVVKKAKGSDMIVPGPSYKGKVFFERPTFDGYVGWGCSSGKSRTESGELCSSDS
GTSSGLLPSDRVLWIGDVACQPMTPIPEETFLELKSFSQSEFPDICKIDGVVFNQCEGESLPQPFDVAWMDVGHSHKIIM
REHKTKWVQESSSKDFVCYKAGTGPCSESEEKTCKTSGSCRGDMQFCKVAGCEHGEEASEAKCRCSLVHKPGEVVVSYGG
MRVRPKCYGFSRMMATLEVNPPEQRTGQCTGCHLECINGGVRLITLTSELKSATVCASHFCSSATSGKKSTEIQFHSGSL
VGRTAIHVKGALVDGTEFTFEGSCMFPDGCDAVDCTFCREFLKNPQCYPAKKWLFIIIVILLGYAGLMLLTNVLKAIGIW
GSWVIAPVKLIFAIIKKLMRTVSCLMGKLMDRGRQVIHEEIGENREGNQDDVRIEMARPRRVRHWMYSPVILTILAIGLA
;
A
2 'polypeptide(L)'
;ESCDEMVHADSKLVSCRQGSGNMKECVTTGRALLPAVNPGQEACLHFTAPGSPDSKCLKIKVKRINLKCKKSSSYFVPDA
RSRCTSVRRCRWAGDCQSGCPPHSTSNSFSDDWAGKMDRAGLGFSGCSDGCGGAACGCFNAAPSCIFWRKWVENPHGIIW
KVSPCAAWVPSAVIELTMPSGEVRTFHPMSGIPTQVFKGVSVTYLGSDMEVSGLTDLCEIEELKSKKLALAPCNQAGMGV
VGKVGEIQCSSEESARTIKKDGCIWNADLVGIELRVDDAVCYSKITSVEAVANYSAIPTTIGGLRFERSHDSLGKISGSP
LDITAIRGSFSVNYRGLRLSLSEITATCTGEVTNVSGCYSCMTGAKVSIKLHSSKNSTAHVRCKGDETAFSVLEGVHSYT
VSLSFDHAVVDEQCQLNCGGHESQVTLKGNLIFLDVPKFVDGSYMQTYHSSVPTGANIPSPTDWLNALFGNGLSRWILGV
IGVLLGGLALFFLIMSLFKLGTKQVFRSRTKLA
;
B
#
loop_
_chem_comp.id
_chem_comp.type
_chem_comp.name
_chem_comp.formula
NAG D-saccharide, beta linking 2-acetamido-2-deoxy-beta-D-glucopyranose 'C8 H15 N O6'
#
# COMPACT_ATOMS: atom_id res chain seq x y z
N SER A 21 -10.36 10.46 -55.74
CA SER A 21 -10.71 9.64 -54.59
C SER A 21 -10.65 8.15 -54.94
N GLY A 22 -9.65 7.77 -55.74
CA GLY A 22 -9.48 6.40 -56.14
C GLY A 22 -9.28 6.21 -57.63
N PRO A 23 -10.03 6.94 -58.47
CA PRO A 23 -9.70 6.95 -59.90
C PRO A 23 -8.34 7.60 -60.16
N ILE A 24 -7.38 6.80 -60.60
CA ILE A 24 -6.01 7.26 -60.79
C ILE A 24 -5.71 7.53 -62.25
N ILE A 25 -6.04 6.59 -63.13
CA ILE A 25 -5.61 6.69 -64.52
C ILE A 25 -6.83 6.72 -65.45
N CYS A 26 -7.92 6.09 -65.01
CA CYS A 26 -9.11 5.92 -65.86
C CYS A 26 -10.22 5.37 -64.97
N ALA A 27 -11.34 4.99 -65.59
CA ALA A 27 -12.50 4.46 -64.89
C ALA A 27 -12.36 2.94 -64.74
N GLY A 28 -13.44 2.28 -64.31
CA GLY A 28 -13.42 0.86 -64.06
C GLY A 28 -13.57 0.04 -65.33
N PRO A 29 -12.94 -1.14 -65.35
CA PRO A 29 -13.02 -2.00 -66.53
C PRO A 29 -14.37 -2.70 -66.62
N ILE A 30 -14.57 -3.39 -67.74
CA ILE A 30 -15.79 -4.16 -68.00
C ILE A 30 -15.48 -5.62 -68.30
N HIS A 31 -14.57 -5.87 -69.25
CA HIS A 31 -14.10 -7.20 -69.62
C HIS A 31 -15.18 -8.03 -70.32
N SER A 32 -14.77 -8.85 -71.28
CA SER A 32 -15.70 -9.69 -72.03
C SER A 32 -15.31 -11.16 -72.06
N ASN A 33 -14.02 -11.47 -72.10
CA ASN A 33 -13.59 -12.86 -72.18
C ASN A 33 -13.91 -13.62 -70.90
N LYS A 34 -14.32 -14.88 -71.06
CA LYS A 34 -14.47 -15.74 -69.90
C LYS A 34 -13.12 -16.11 -69.29
N SER A 35 -12.07 -16.15 -70.11
CA SER A 35 -10.72 -16.43 -69.63
C SER A 35 -9.75 -15.75 -70.60
N ALA A 36 -9.28 -14.56 -70.24
CA ALA A 36 -8.36 -13.81 -71.07
C ALA A 36 -6.92 -14.03 -70.58
N ASN A 37 -5.98 -13.24 -71.12
CA ASN A 37 -4.55 -13.47 -70.93
C ASN A 37 -3.88 -12.49 -69.98
N ILE A 38 -4.22 -11.20 -70.06
CA ILE A 38 -3.51 -10.14 -69.33
C ILE A 38 -2.04 -10.17 -69.72
N PRO A 39 -1.69 -9.73 -70.93
CA PRO A 39 -0.28 -9.70 -71.31
C PRO A 39 0.52 -8.77 -70.41
N HIS A 40 1.76 -9.17 -70.13
CA HIS A 40 2.64 -8.40 -69.26
C HIS A 40 3.26 -7.26 -70.05
N LEU A 41 3.01 -6.02 -69.61
CA LEU A 41 3.58 -4.85 -70.25
C LEU A 41 4.89 -4.45 -69.58
N LEU A 42 5.66 -3.62 -70.28
CA LEU A 42 6.96 -3.18 -69.80
C LEU A 42 6.97 -1.75 -69.30
N GLY A 43 6.08 -0.89 -69.80
CA GLY A 43 6.07 0.50 -69.37
C GLY A 43 5.57 0.63 -67.95
N TYR A 44 6.27 1.43 -67.15
CA TYR A 44 5.83 1.67 -65.76
C TYR A 44 4.50 2.41 -65.72
N SER A 45 4.31 3.38 -66.62
CA SER A 45 3.04 4.07 -66.71
C SER A 45 1.92 3.11 -67.10
N GLU A 46 2.20 2.20 -68.04
CA GLU A 46 1.23 1.17 -68.39
C GLU A 46 0.90 0.28 -67.21
N LYS A 47 1.92 -0.06 -66.42
CA LYS A 47 1.69 -0.85 -65.21
C LYS A 47 0.75 -0.12 -64.25
N ILE A 48 1.04 1.15 -63.96
CA ILE A 48 0.22 1.91 -63.01
C ILE A 48 -1.18 2.12 -63.57
N CYS A 49 -1.32 2.15 -64.89
CA CYS A 49 -2.66 2.14 -65.49
C CYS A 49 -3.36 0.81 -65.26
N GLN A 50 -2.59 -0.28 -65.32
CA GLN A 50 -3.16 -1.62 -65.15
C GLN A 50 -3.60 -1.89 -63.71
N ILE A 51 -2.88 -1.36 -62.72
CA ILE A 51 -3.23 -1.64 -61.33
C ILE A 51 -4.64 -1.14 -61.01
N ASP A 52 -5.00 0.04 -61.52
CA ASP A 52 -6.28 0.65 -61.18
C ASP A 52 -7.49 -0.16 -61.66
N ARG A 53 -7.29 -1.12 -62.55
CA ARG A 53 -8.37 -1.96 -63.05
C ARG A 53 -8.58 -3.23 -62.23
N LEU A 54 -7.89 -3.36 -61.09
CA LEU A 54 -7.98 -4.53 -60.22
C LEU A 54 -7.61 -5.81 -60.97
N ILE A 55 -6.36 -5.86 -61.43
CA ILE A 55 -5.86 -6.99 -62.18
C ILE A 55 -4.78 -7.77 -61.43
N HIS A 56 -4.23 -7.20 -60.35
CA HIS A 56 -3.24 -7.94 -59.57
C HIS A 56 -3.86 -9.16 -58.89
N VAL A 57 -5.09 -9.02 -58.39
CA VAL A 57 -5.78 -10.17 -57.81
C VAL A 57 -6.01 -11.25 -58.86
N SER A 58 -6.43 -10.85 -60.06
CA SER A 58 -6.65 -11.82 -61.13
C SER A 58 -5.36 -12.53 -61.51
N SER A 59 -4.26 -11.78 -61.59
CA SER A 59 -2.96 -12.39 -61.88
C SER A 59 -2.53 -13.33 -60.76
N TRP A 60 -2.83 -13.00 -59.51
CA TRP A 60 -2.51 -13.88 -58.40
C TRP A 60 -3.41 -15.11 -58.35
N LEU A 61 -4.59 -15.05 -58.97
CA LEU A 61 -5.51 -16.18 -58.97
C LEU A 61 -5.32 -17.08 -60.19
N ARG A 62 -5.21 -16.50 -61.38
CA ARG A 62 -5.08 -17.31 -62.59
C ARG A 62 -3.71 -17.98 -62.67
N ASN A 63 -2.69 -17.40 -62.04
CA ASN A 63 -1.35 -17.98 -62.10
C ASN A 63 -1.27 -19.25 -61.25
N HIS A 64 -1.82 -19.22 -60.05
CA HIS A 64 -1.62 -20.27 -59.07
C HIS A 64 -2.91 -20.93 -58.60
N SER A 65 -3.98 -20.15 -58.39
CA SER A 65 -5.22 -20.69 -57.84
C SER A 65 -6.06 -21.44 -58.88
N GLN A 66 -5.69 -21.37 -60.15
CA GLN A 66 -6.32 -22.14 -61.23
C GLN A 66 -7.72 -21.61 -61.55
N PHE A 67 -8.21 -20.67 -60.76
CA PHE A 67 -9.54 -20.12 -60.98
C PHE A 67 -9.60 -19.35 -62.29
N GLN A 68 -10.69 -19.53 -63.02
CA GLN A 68 -10.92 -18.85 -64.28
C GLN A 68 -11.98 -17.76 -64.07
N GLY A 69 -11.63 -16.53 -64.40
CA GLY A 69 -12.53 -15.41 -64.25
C GLY A 69 -11.76 -14.13 -63.96
N TYR A 70 -12.53 -13.08 -63.69
CA TYR A 70 -11.96 -11.77 -63.40
C TYR A 70 -12.66 -11.16 -62.20
N VAL A 71 -11.88 -10.47 -61.37
CA VAL A 71 -12.39 -9.83 -60.17
C VAL A 71 -12.57 -8.35 -60.45
N GLY A 72 -13.29 -7.67 -59.57
CA GLY A 72 -13.53 -6.25 -59.73
C GLY A 72 -14.46 -5.93 -60.89
N GLN A 73 -15.71 -6.36 -60.79
CA GLN A 73 -16.69 -6.14 -61.84
C GLN A 73 -17.17 -4.70 -61.78
N ARG A 74 -16.80 -3.91 -62.80
CA ARG A 74 -17.18 -2.51 -62.96
C ARG A 74 -17.17 -1.74 -61.65
N GLY A 75 -16.13 -1.93 -60.84
CA GLY A 75 -16.04 -1.27 -59.55
C GLY A 75 -14.77 -0.46 -59.36
N GLY A 76 -13.77 -0.70 -60.19
CA GLY A 76 -12.52 0.02 -60.05
C GLY A 76 -11.74 -0.41 -58.82
N ARG A 77 -10.87 0.49 -58.36
CA ARG A 77 -10.01 0.22 -57.22
C ARG A 77 -10.49 0.86 -55.93
N SER A 78 -11.17 2.01 -56.02
CA SER A 78 -11.60 2.72 -54.82
C SER A 78 -12.70 1.99 -54.05
N GLN A 79 -13.35 1.01 -54.66
CA GLN A 79 -14.47 0.32 -54.04
C GLN A 79 -14.06 -0.93 -53.27
N VAL A 80 -12.77 -1.21 -53.15
CA VAL A 80 -12.31 -2.36 -52.39
C VAL A 80 -12.54 -2.11 -50.91
N SER A 81 -13.17 -3.08 -50.24
CA SER A 81 -13.51 -2.93 -48.83
C SER A 81 -12.26 -3.06 -47.95
N TYR A 82 -12.28 -2.36 -46.82
CA TYR A 82 -11.21 -2.41 -45.83
C TYR A 82 -11.78 -2.80 -44.48
N TYR A 83 -11.07 -3.67 -43.76
CA TYR A 83 -11.50 -4.04 -42.42
C TYR A 83 -11.54 -2.87 -41.45
N PRO A 84 -10.55 -1.98 -41.38
CA PRO A 84 -10.68 -0.81 -40.49
C PRO A 84 -11.87 0.08 -40.80
N ALA A 85 -12.47 -0.05 -42.00
CA ALA A 85 -13.56 0.81 -42.45
C ALA A 85 -13.07 2.24 -42.57
N GLU A 86 -13.60 3.13 -41.73
CA GLU A 86 -13.15 4.52 -41.73
C GLU A 86 -11.71 4.58 -41.22
N ASN A 87 -10.77 4.80 -42.12
CA ASN A 87 -9.37 4.78 -41.78
C ASN A 87 -8.61 5.71 -42.72
N SER A 88 -7.40 6.08 -42.32
CA SER A 88 -6.53 6.90 -43.14
C SER A 88 -5.86 6.04 -44.21
N TYR A 89 -4.98 6.67 -44.98
CA TYR A 89 -4.26 6.03 -46.09
C TYR A 89 -5.20 5.46 -47.15
N SER A 90 -6.46 5.86 -47.13
CA SER A 90 -7.43 5.42 -48.13
C SER A 90 -8.11 6.56 -48.86
N ARG A 91 -8.24 7.74 -48.24
CA ARG A 91 -8.80 8.90 -48.93
C ARG A 91 -7.91 9.37 -50.08
N TRP A 92 -6.61 9.05 -50.03
CA TRP A 92 -5.70 9.39 -51.11
C TRP A 92 -5.64 8.23 -52.11
N SER A 93 -4.85 8.41 -53.16
CA SER A 93 -4.71 7.39 -54.20
C SER A 93 -3.28 7.02 -54.53
N GLY A 94 -2.30 7.86 -54.22
CA GLY A 94 -0.92 7.57 -54.58
C GLY A 94 -0.24 6.53 -53.73
N LEU A 95 -0.83 6.14 -52.62
CA LEU A 95 -0.25 5.10 -51.78
C LEU A 95 -0.32 3.75 -52.48
N LEU A 96 0.70 2.93 -52.25
CA LEU A 96 0.83 1.64 -52.91
C LEU A 96 0.48 0.53 -51.93
N SER A 97 -0.49 -0.31 -52.30
CA SER A 97 -0.83 -1.48 -51.51
C SER A 97 0.24 -2.56 -51.70
N PRO A 98 0.33 -3.51 -50.76
CA PRO A 98 1.35 -4.57 -50.90
C PRO A 98 1.25 -5.35 -52.20
N CYS A 99 0.04 -5.60 -52.70
CA CYS A 99 -0.09 -6.32 -53.97
C CYS A 99 0.51 -5.53 -55.13
N ASP A 100 0.26 -4.22 -55.17
CA ASP A 100 0.83 -3.38 -56.22
C ASP A 100 2.35 -3.37 -56.13
N ALA A 101 2.89 -3.27 -54.92
CA ALA A 101 4.34 -3.31 -54.76
C ALA A 101 4.91 -4.64 -55.22
N ASP A 102 4.25 -5.74 -54.86
CA ASP A 102 4.72 -7.06 -55.28
C ASP A 102 4.71 -7.18 -56.80
N TRP A 103 3.66 -6.68 -57.45
CA TRP A 103 3.67 -6.68 -58.91
C TRP A 103 4.63 -5.66 -59.50
N LEU A 104 5.14 -4.74 -58.68
CA LEU A 104 6.13 -3.76 -59.15
C LEU A 104 7.57 -4.25 -59.01
N GLY A 105 7.81 -5.36 -58.33
CA GLY A 105 9.12 -5.97 -58.33
C GLY A 105 9.83 -6.09 -57.00
N MET A 106 9.12 -5.89 -55.89
CA MET A 106 9.72 -6.08 -54.58
C MET A 106 9.52 -7.54 -54.14
N LEU A 107 9.74 -7.81 -52.86
CA LEU A 107 9.80 -9.19 -52.38
C LEU A 107 8.51 -9.95 -52.67
N VAL A 108 8.66 -11.22 -53.06
CA VAL A 108 7.51 -12.01 -53.48
C VAL A 108 6.67 -12.37 -52.27
N VAL A 109 5.35 -12.30 -52.43
CA VAL A 109 4.42 -12.70 -51.37
C VAL A 109 4.51 -14.20 -51.18
N LYS A 110 4.71 -14.62 -49.92
CA LYS A 110 4.82 -16.04 -49.62
C LYS A 110 3.50 -16.76 -49.86
N LYS A 111 3.59 -18.05 -50.17
CA LYS A 111 2.40 -18.85 -50.40
C LYS A 111 1.68 -19.11 -49.08
N ALA A 112 0.42 -19.55 -49.20
CA ALA A 112 -0.37 -19.86 -48.02
C ALA A 112 0.23 -21.04 -47.26
N LYS A 113 0.24 -20.92 -45.93
CA LYS A 113 0.81 -21.95 -45.06
C LYS A 113 -0.24 -22.39 -44.05
N GLY A 114 -0.22 -23.68 -43.72
CA GLY A 114 -1.17 -24.22 -42.76
C GLY A 114 -0.87 -23.93 -41.31
N SER A 115 0.29 -23.35 -41.02
CA SER A 115 0.67 -23.01 -39.65
C SER A 115 0.33 -21.58 -39.27
N ASP A 116 -0.33 -20.83 -40.16
CA ASP A 116 -0.71 -19.44 -39.89
C ASP A 116 -2.22 -19.38 -39.73
N MET A 117 -2.66 -18.82 -38.60
CA MET A 117 -4.08 -18.73 -38.31
C MET A 117 -4.64 -17.41 -38.83
N ILE A 118 -5.97 -17.34 -38.88
CA ILE A 118 -6.69 -16.17 -39.38
C ILE A 118 -7.20 -15.37 -38.18
N VAL A 119 -6.85 -14.10 -38.13
CA VAL A 119 -7.28 -13.23 -37.03
C VAL A 119 -8.80 -13.06 -37.10
N PRO A 120 -9.51 -13.14 -35.97
CA PRO A 120 -10.96 -12.95 -36.00
C PRO A 120 -11.34 -11.49 -36.23
N GLY A 121 -11.29 -11.06 -37.49
CA GLY A 121 -11.59 -9.68 -37.84
C GLY A 121 -13.03 -9.47 -38.24
N PRO A 122 -13.25 -9.03 -39.47
CA PRO A 122 -14.60 -8.70 -39.93
C PRO A 122 -15.33 -9.94 -40.43
N SER A 123 -16.54 -9.71 -40.94
CA SER A 123 -17.31 -10.80 -41.52
C SER A 123 -16.69 -11.23 -42.84
N TYR A 124 -16.56 -12.54 -43.04
CA TYR A 124 -15.95 -13.10 -44.24
C TYR A 124 -16.96 -13.66 -45.22
N LYS A 125 -18.25 -13.66 -44.89
CA LYS A 125 -19.26 -14.20 -45.78
C LYS A 125 -19.40 -13.32 -47.01
N GLY A 126 -19.32 -13.93 -48.20
CA GLY A 126 -19.40 -13.24 -49.45
C GLY A 126 -18.08 -12.85 -50.06
N LYS A 127 -17.00 -12.85 -49.27
CA LYS A 127 -15.69 -12.51 -49.80
C LYS A 127 -15.09 -13.69 -50.56
N VAL A 128 -14.13 -13.38 -51.43
CA VAL A 128 -13.49 -14.40 -52.26
C VAL A 128 -11.98 -14.49 -52.04
N PHE A 129 -11.33 -13.42 -51.57
CA PHE A 129 -9.89 -13.45 -51.39
C PHE A 129 -9.47 -12.30 -50.48
N PHE A 130 -8.53 -12.58 -49.59
CA PHE A 130 -7.98 -11.53 -48.73
C PHE A 130 -6.50 -11.79 -48.48
N GLU A 131 -5.85 -10.84 -47.82
CA GLU A 131 -4.43 -10.92 -47.54
C GLU A 131 -4.16 -10.36 -46.14
N ARG A 132 -3.00 -10.74 -45.60
CA ARG A 132 -2.61 -10.32 -44.26
C ARG A 132 -1.09 -10.21 -44.18
N PRO A 133 -0.56 -9.10 -43.65
CA PRO A 133 0.89 -8.99 -43.44
C PRO A 133 1.29 -9.63 -42.11
N THR A 134 2.17 -10.61 -42.18
CA THR A 134 2.64 -11.33 -40.99
C THR A 134 4.06 -10.89 -40.66
N PHE A 135 4.62 -11.51 -39.62
CA PHE A 135 5.96 -11.15 -39.16
C PHE A 135 7.02 -11.44 -40.21
N ASP A 136 6.92 -12.61 -40.87
CA ASP A 136 7.91 -12.95 -41.89
C ASP A 136 7.68 -12.16 -43.16
N GLY A 137 6.42 -11.98 -43.57
CA GLY A 137 6.10 -11.30 -44.80
C GLY A 137 4.62 -11.06 -44.99
N TYR A 138 4.12 -11.32 -46.19
CA TYR A 138 2.71 -11.16 -46.52
C TYR A 138 2.15 -12.49 -47.02
N VAL A 139 0.93 -12.81 -46.60
CA VAL A 139 0.26 -14.04 -47.00
C VAL A 139 -1.10 -13.69 -47.58
N GLY A 140 -1.64 -14.61 -48.36
CA GLY A 140 -2.95 -14.41 -48.97
C GLY A 140 -3.73 -15.70 -49.00
N TRP A 141 -5.04 -15.57 -48.88
CA TRP A 141 -5.94 -16.71 -48.87
C TRP A 141 -7.11 -16.46 -49.83
N GLY A 142 -7.57 -17.55 -50.44
CA GLY A 142 -8.69 -17.51 -51.36
C GLY A 142 -9.23 -18.92 -51.55
N CYS A 143 -10.22 -19.03 -52.42
CA CYS A 143 -10.86 -20.31 -52.72
C CYS A 143 -10.90 -20.51 -54.23
N SER A 144 -11.32 -21.72 -54.63
CA SER A 144 -11.43 -22.08 -56.04
C SER A 144 -12.77 -21.61 -56.59
N SER A 145 -13.07 -22.00 -57.82
CA SER A 145 -14.32 -21.60 -58.46
C SER A 145 -15.52 -22.26 -57.78
N GLY A 146 -16.61 -21.49 -57.65
CA GLY A 146 -17.82 -22.00 -57.07
C GLY A 146 -17.83 -22.11 -55.56
N LYS A 147 -16.82 -21.58 -54.88
CA LYS A 147 -16.73 -21.65 -53.43
C LYS A 147 -16.43 -20.26 -52.87
N SER A 148 -16.90 -20.02 -51.65
CA SER A 148 -16.74 -18.73 -50.99
C SER A 148 -16.45 -18.95 -49.51
N ARG A 149 -15.94 -17.89 -48.87
CA ARG A 149 -15.65 -17.94 -47.45
C ARG A 149 -16.93 -18.00 -46.64
N THR A 150 -16.89 -18.73 -45.53
CA THR A 150 -18.02 -18.82 -44.62
C THR A 150 -18.02 -17.61 -43.67
N GLU A 151 -18.96 -17.62 -42.73
CA GLU A 151 -19.04 -16.55 -41.75
C GLU A 151 -17.86 -16.56 -40.78
N SER A 152 -17.19 -17.70 -40.62
CA SER A 152 -16.05 -17.82 -39.73
C SER A 152 -14.71 -17.85 -40.49
N GLY A 153 -14.57 -18.74 -41.46
CA GLY A 153 -13.40 -18.71 -42.32
C GLY A 153 -12.48 -19.91 -42.24
N GLU A 154 -13.02 -21.10 -41.97
CA GLU A 154 -12.20 -22.30 -41.92
C GLU A 154 -12.17 -23.06 -43.25
N LEU A 155 -13.32 -23.14 -43.94
CA LEU A 155 -13.40 -23.92 -45.16
C LEU A 155 -14.16 -23.12 -46.21
N CYS A 156 -13.90 -23.48 -47.48
CA CYS A 156 -14.61 -22.87 -48.60
C CYS A 156 -15.93 -23.60 -48.83
N SER A 157 -17.04 -22.90 -48.67
CA SER A 157 -18.36 -23.48 -48.84
C SER A 157 -18.86 -23.22 -50.25
N SER A 158 -19.46 -24.24 -50.85
CA SER A 158 -20.00 -24.12 -52.19
C SER A 158 -21.31 -23.32 -52.17
N ASP A 159 -21.39 -22.30 -53.00
CA ASP A 159 -22.56 -21.44 -53.08
C ASP A 159 -22.94 -21.24 -54.55
N SER A 160 -24.24 -21.32 -54.83
CA SER A 160 -24.72 -21.12 -56.19
C SER A 160 -24.72 -19.65 -56.60
N GLY A 161 -24.60 -18.73 -55.64
CA GLY A 161 -24.56 -17.32 -55.99
C GLY A 161 -23.35 -16.94 -56.81
N THR A 162 -22.19 -17.48 -56.45
CA THR A 162 -20.95 -17.19 -57.17
C THR A 162 -20.75 -18.18 -58.32
N SER A 163 -21.69 -18.12 -59.26
CA SER A 163 -21.66 -18.99 -60.43
C SER A 163 -21.97 -18.28 -61.74
N SER A 164 -22.18 -16.96 -61.72
CA SER A 164 -22.49 -16.21 -62.93
C SER A 164 -21.24 -15.79 -63.69
N GLY A 165 -20.06 -16.07 -63.17
CA GLY A 165 -18.81 -15.71 -63.83
C GLY A 165 -18.36 -14.30 -63.59
N LEU A 166 -19.08 -13.51 -62.81
CA LEU A 166 -18.71 -12.13 -62.51
C LEU A 166 -18.59 -11.96 -61.01
N LEU A 167 -17.49 -11.34 -60.58
CA LEU A 167 -17.23 -11.10 -59.16
C LEU A 167 -17.08 -9.61 -58.92
N PRO A 168 -17.93 -8.99 -58.09
CA PRO A 168 -17.81 -7.56 -57.84
C PRO A 168 -16.57 -7.23 -57.03
N SER A 169 -16.25 -5.93 -56.98
CA SER A 169 -15.04 -5.48 -56.33
C SER A 169 -15.07 -5.71 -54.81
N ASP A 170 -16.25 -5.64 -54.20
CA ASP A 170 -16.35 -5.72 -52.74
C ASP A 170 -16.01 -7.09 -52.19
N ARG A 171 -15.89 -8.11 -53.04
CA ARG A 171 -15.56 -9.45 -52.58
C ARG A 171 -14.08 -9.64 -52.28
N VAL A 172 -13.24 -8.67 -52.62
CA VAL A 172 -11.81 -8.70 -52.30
C VAL A 172 -11.58 -7.86 -51.06
N LEU A 173 -10.93 -8.43 -50.05
CA LEU A 173 -10.74 -7.77 -48.77
C LEU A 173 -9.25 -7.58 -48.50
N TRP A 174 -8.91 -6.44 -47.87
CA TRP A 174 -7.57 -6.15 -47.42
C TRP A 174 -7.61 -5.83 -45.92
N ILE A 175 -6.62 -6.32 -45.19
CA ILE A 175 -6.59 -6.23 -43.73
C ILE A 175 -5.58 -5.16 -43.32
N GLY A 176 -6.03 -4.20 -42.51
CA GLY A 176 -5.14 -3.19 -41.96
C GLY A 176 -4.82 -2.10 -42.96
N ASP A 177 -4.09 -1.09 -42.49
CA ASP A 177 -3.67 0.01 -43.36
C ASP A 177 -2.15 0.02 -43.51
N VAL A 178 -1.69 0.14 -44.75
CA VAL A 178 -0.27 -0.04 -45.08
C VAL A 178 0.13 0.97 -46.15
N ALA A 179 1.42 1.33 -46.14
CA ALA A 179 2.04 2.08 -47.22
C ALA A 179 3.43 1.52 -47.48
N CYS A 180 3.72 1.20 -48.73
CA CYS A 180 5.01 0.64 -49.12
C CYS A 180 5.63 1.45 -50.25
N GLN A 181 6.94 1.60 -50.21
CA GLN A 181 7.67 2.44 -51.15
C GLN A 181 9.12 1.99 -51.20
N PRO A 182 9.86 2.36 -52.24
CA PRO A 182 11.30 2.03 -52.27
C PRO A 182 12.03 2.68 -51.09
N MET A 183 13.04 1.97 -50.59
CA MET A 183 13.75 2.37 -49.38
C MET A 183 15.25 2.32 -49.62
N THR A 184 15.96 3.13 -48.83
CA THR A 184 17.42 3.15 -48.88
C THR A 184 17.98 2.10 -47.92
N PRO A 185 18.80 1.16 -48.39
CA PRO A 185 19.31 0.11 -47.50
C PRO A 185 20.30 0.66 -46.48
N ILE A 186 20.40 -0.05 -45.37
CA ILE A 186 21.27 0.35 -44.27
C ILE A 186 22.16 -0.84 -43.90
N PRO A 187 23.32 -0.58 -43.30
CA PRO A 187 24.15 -1.69 -42.81
C PRO A 187 23.46 -2.42 -41.66
N GLU A 188 23.80 -3.69 -41.52
CA GLU A 188 23.15 -4.53 -40.51
C GLU A 188 23.46 -4.04 -39.09
N GLU A 189 24.60 -3.38 -38.91
CA GLU A 189 25.00 -2.96 -37.57
C GLU A 189 24.00 -1.98 -36.96
N THR A 190 23.48 -1.06 -37.77
CA THR A 190 22.48 -0.12 -37.29
C THR A 190 21.11 -0.75 -37.13
N PHE A 191 20.90 -1.98 -37.61
CA PHE A 191 19.61 -2.63 -37.50
C PHE A 191 19.47 -3.45 -36.23
N LEU A 192 20.51 -4.20 -35.86
CA LEU A 192 20.42 -5.08 -34.71
C LEU A 192 20.15 -4.28 -33.43
N GLU A 193 20.78 -3.11 -33.30
CA GLU A 193 20.54 -2.26 -32.13
C GLU A 193 19.06 -1.91 -32.00
N LEU A 194 18.34 -1.85 -33.11
CA LEU A 194 16.90 -1.63 -33.04
C LEU A 194 16.20 -2.84 -32.42
N LYS A 195 16.54 -4.05 -32.90
CA LYS A 195 15.82 -5.24 -32.48
C LYS A 195 15.93 -5.46 -30.97
N SER A 196 17.13 -5.25 -30.41
CA SER A 196 17.27 -5.32 -28.97
C SER A 196 16.43 -4.26 -28.26
N PHE A 197 16.48 -3.02 -28.77
CA PHE A 197 15.77 -1.93 -28.09
C PHE A 197 14.27 -2.18 -28.09
N SER A 198 13.72 -2.59 -29.22
CA SER A 198 12.31 -2.92 -29.30
C SER A 198 11.94 -4.07 -28.37
N GLN A 199 12.90 -4.92 -28.01
CA GLN A 199 12.59 -6.01 -27.11
C GLN A 199 12.54 -5.58 -25.65
N SER A 200 13.07 -4.39 -25.33
CA SER A 200 13.00 -3.88 -23.96
C SER A 200 11.71 -3.14 -23.66
N GLU A 201 10.88 -2.86 -24.67
CA GLU A 201 9.63 -2.15 -24.44
C GLU A 201 8.56 -3.06 -23.85
N PHE A 202 8.50 -4.31 -24.29
CA PHE A 202 7.48 -5.26 -23.86
C PHE A 202 8.14 -6.48 -23.22
N PRO A 203 8.29 -6.49 -21.89
CA PRO A 203 8.77 -7.72 -21.23
C PRO A 203 7.62 -8.67 -20.95
N ASP A 204 6.74 -8.86 -21.93
CA ASP A 204 5.60 -9.75 -21.81
C ASP A 204 5.47 -10.69 -23.00
N ILE A 205 5.76 -10.22 -24.20
CA ILE A 205 5.63 -11.04 -25.40
C ILE A 205 6.85 -11.97 -25.50
N CYS A 206 6.58 -13.25 -25.71
CA CYS A 206 7.64 -14.26 -25.78
C CYS A 206 7.74 -14.90 -27.15
N LYS A 207 6.62 -15.28 -27.76
CA LYS A 207 6.63 -15.93 -29.07
C LYS A 207 5.51 -15.35 -29.93
N ILE A 208 5.82 -15.04 -31.18
CA ILE A 208 4.85 -14.53 -32.14
C ILE A 208 4.85 -15.45 -33.34
N ASP A 209 3.73 -16.14 -33.55
CA ASP A 209 3.53 -16.99 -34.73
C ASP A 209 4.64 -18.02 -34.90
N GLY A 210 5.10 -18.58 -33.78
CA GLY A 210 6.14 -19.57 -33.80
C GLY A 210 7.54 -19.03 -33.95
N VAL A 211 7.71 -17.72 -33.98
CA VAL A 211 9.02 -17.09 -34.11
C VAL A 211 9.47 -16.67 -32.72
N VAL A 212 10.66 -17.13 -32.31
CA VAL A 212 11.14 -16.83 -30.97
C VAL A 212 11.44 -15.33 -30.85
N PHE A 213 11.20 -14.79 -29.66
CA PHE A 213 11.43 -13.37 -29.40
C PHE A 213 12.19 -13.21 -28.08
N ASN A 214 12.03 -14.15 -27.18
CA ASN A 214 12.65 -14.11 -25.86
C ASN A 214 12.82 -15.54 -25.36
N GLN A 215 13.13 -15.68 -24.07
CA GLN A 215 13.26 -16.97 -23.41
C GLN A 215 12.43 -16.93 -22.13
N CYS A 216 11.22 -17.48 -22.18
CA CYS A 216 10.31 -17.47 -21.04
C CYS A 216 9.97 -18.86 -20.53
N GLU A 217 10.52 -19.91 -21.12
CA GLU A 217 10.27 -21.31 -20.78
C GLU A 217 8.79 -21.55 -20.45
N GLY A 218 7.92 -21.03 -21.32
CA GLY A 218 6.49 -21.17 -21.14
C GLY A 218 5.69 -20.29 -22.09
N GLU A 219 4.60 -20.82 -22.62
CA GLU A 219 3.76 -20.12 -23.58
C GLU A 219 2.33 -20.03 -23.03
N SER A 220 1.43 -19.52 -23.87
CA SER A 220 0.03 -19.41 -23.52
C SER A 220 -0.78 -19.41 -24.82
N LEU A 221 -2.10 -19.40 -24.69
CA LEU A 221 -2.97 -19.38 -25.85
C LEU A 221 -2.84 -18.04 -26.57
N PRO A 222 -2.53 -18.02 -27.86
CA PRO A 222 -2.37 -16.75 -28.57
C PRO A 222 -3.68 -15.97 -28.60
N GLN A 223 -3.57 -14.65 -28.50
CA GLN A 223 -4.70 -13.75 -28.57
C GLN A 223 -4.39 -12.60 -29.52
N PRO A 224 -5.40 -12.11 -30.24
CA PRO A 224 -5.15 -11.03 -31.20
C PRO A 224 -4.77 -9.73 -30.51
N PHE A 225 -3.87 -8.99 -31.14
CA PHE A 225 -3.52 -7.66 -30.66
C PHE A 225 -3.16 -6.78 -31.84
N ASP A 226 -3.62 -5.53 -31.81
CA ASP A 226 -3.45 -4.61 -32.94
C ASP A 226 -2.26 -3.69 -32.65
N VAL A 227 -1.27 -3.72 -33.53
CA VAL A 227 -0.08 -2.89 -33.38
C VAL A 227 0.35 -2.37 -34.75
N ALA A 228 1.24 -1.39 -34.71
CA ALA A 228 1.89 -0.87 -35.91
C ALA A 228 3.22 -1.56 -36.11
N TRP A 229 3.67 -1.58 -37.36
CA TRP A 229 4.94 -2.22 -37.67
C TRP A 229 5.63 -1.53 -38.83
N MET A 230 6.96 -1.68 -38.84
CA MET A 230 7.86 -1.04 -39.78
C MET A 230 8.72 -2.12 -40.42
N ASP A 231 8.84 -2.08 -41.74
CA ASP A 231 9.60 -3.07 -42.49
C ASP A 231 10.92 -2.47 -42.95
N VAL A 232 12.02 -3.17 -42.67
CA VAL A 232 13.33 -2.75 -43.11
C VAL A 232 13.89 -3.62 -44.24
N GLY A 233 13.58 -4.91 -44.24
CA GLY A 233 14.06 -5.81 -45.26
C GLY A 233 15.24 -6.68 -44.88
N HIS A 234 15.65 -6.67 -43.61
CA HIS A 234 16.76 -7.48 -43.15
C HIS A 234 16.34 -8.67 -42.29
N SER A 235 15.26 -8.55 -41.53
CA SER A 235 14.83 -9.61 -40.63
C SER A 235 13.32 -9.56 -40.51
N HIS A 236 12.79 -10.19 -39.45
CA HIS A 236 11.35 -10.36 -39.27
C HIS A 236 10.69 -9.08 -38.77
N LYS A 237 10.86 -8.01 -39.55
CA LYS A 237 10.11 -6.77 -39.38
C LYS A 237 10.42 -6.13 -38.02
N ILE A 238 9.77 -5.01 -37.70
CA ILE A 238 9.98 -4.33 -36.42
C ILE A 238 8.63 -3.88 -35.88
N ILE A 239 8.39 -4.12 -34.59
CA ILE A 239 7.14 -3.73 -33.94
C ILE A 239 7.27 -2.29 -33.45
N MET A 240 6.21 -1.50 -33.62
CA MET A 240 6.23 -0.07 -33.36
C MET A 240 5.22 0.27 -32.26
N ARG A 241 5.66 1.00 -31.24
CA ARG A 241 4.75 1.52 -30.23
C ARG A 241 4.77 3.04 -30.16
N GLU A 242 5.95 3.65 -30.07
CA GLU A 242 6.10 5.10 -30.07
C GLU A 242 7.13 5.50 -31.12
N HIS A 243 6.78 6.46 -31.96
CA HIS A 243 7.65 6.87 -33.05
C HIS A 243 7.13 8.18 -33.62
N LYS A 244 8.05 8.95 -34.20
CA LYS A 244 7.74 10.22 -34.84
C LYS A 244 7.95 10.08 -36.35
N THR A 245 6.91 10.35 -37.12
CA THR A 245 6.99 10.26 -38.58
C THR A 245 7.24 11.64 -39.18
N LYS A 246 7.47 11.65 -40.48
CA LYS A 246 7.72 12.90 -41.19
C LYS A 246 7.45 12.68 -42.67
N TRP A 247 6.45 13.35 -43.21
CA TRP A 247 6.09 13.24 -44.62
C TRP A 247 6.94 14.21 -45.44
N VAL A 248 7.58 13.69 -46.49
CA VAL A 248 8.41 14.49 -47.37
C VAL A 248 7.88 14.35 -48.79
N GLN A 249 7.61 15.48 -49.45
CA GLN A 249 7.07 15.44 -50.79
C GLN A 249 8.11 14.96 -51.80
N GLU A 250 9.37 15.39 -51.64
CA GLU A 250 10.47 14.99 -52.52
C GLU A 250 10.16 15.30 -53.98
N SER A 251 9.74 14.27 -54.72
CA SER A 251 9.45 14.38 -56.16
C SER A 251 10.67 14.91 -56.91
N SER A 252 11.75 14.12 -56.85
CA SER A 252 13.03 14.57 -57.40
C SER A 252 13.10 14.35 -58.92
N SER A 253 13.03 13.10 -59.35
CA SER A 253 13.23 12.77 -60.76
C SER A 253 12.09 11.98 -61.38
N LYS A 254 11.50 11.02 -60.64
CA LYS A 254 10.44 10.18 -61.20
C LYS A 254 9.37 9.99 -60.13
N ASP A 255 8.33 10.83 -60.18
CA ASP A 255 7.18 10.67 -59.28
C ASP A 255 5.86 10.92 -59.99
N PHE A 256 5.86 11.15 -61.31
CA PHE A 256 4.65 11.49 -62.04
C PHE A 256 4.32 10.39 -63.04
N VAL A 257 3.08 9.93 -63.02
CA VAL A 257 2.54 8.99 -64.00
C VAL A 257 1.28 9.61 -64.59
N CYS A 258 1.08 9.44 -65.89
CA CYS A 258 -0.01 10.14 -66.55
C CYS A 258 -0.39 9.42 -67.84
N TYR A 259 -1.18 10.09 -68.68
CA TYR A 259 -1.88 9.46 -69.77
C TYR A 259 -2.19 10.52 -70.83
N LYS A 260 -2.98 10.15 -71.83
CA LYS A 260 -3.49 11.06 -72.85
C LYS A 260 -5.00 11.20 -72.67
N ALA A 261 -5.61 12.02 -73.52
CA ALA A 261 -7.04 12.28 -73.44
C ALA A 261 -7.80 11.14 -74.12
N GLY A 262 -8.49 10.34 -73.32
CA GLY A 262 -9.30 9.24 -73.86
C GLY A 262 -8.58 7.97 -74.21
N THR A 263 -7.50 8.06 -74.98
CA THR A 263 -6.77 6.86 -75.41
C THR A 263 -6.16 6.14 -74.21
N GLY A 264 -5.54 6.87 -73.30
CA GLY A 264 -4.91 6.29 -72.15
C GLY A 264 -3.45 6.69 -72.01
N PRO A 265 -2.64 5.83 -71.42
CA PRO A 265 -1.23 6.16 -71.23
C PRO A 265 -0.49 6.29 -72.57
N CYS A 266 0.50 7.17 -72.59
CA CYS A 266 1.29 7.38 -73.78
C CYS A 266 2.35 6.28 -73.92
N SER A 267 3.03 6.29 -75.07
CA SER A 267 3.98 5.23 -75.38
C SER A 267 5.22 5.34 -74.51
N GLU A 268 5.95 4.23 -74.41
CA GLU A 268 7.18 4.20 -73.61
C GLU A 268 8.24 5.14 -74.19
N SER A 269 8.35 5.18 -75.52
CA SER A 269 9.33 6.07 -76.14
C SER A 269 8.99 7.53 -75.84
N GLU A 270 7.71 7.88 -75.87
CA GLU A 270 7.30 9.25 -75.54
C GLU A 270 7.67 9.59 -74.10
N GLU A 271 7.45 8.66 -73.17
CA GLU A 271 7.81 8.90 -71.78
C GLU A 271 9.32 9.06 -71.62
N LYS A 272 10.10 8.24 -72.33
CA LYS A 272 11.55 8.34 -72.25
C LYS A 272 12.05 9.66 -72.80
N THR A 273 11.47 10.11 -73.92
CA THR A 273 11.95 11.34 -74.56
C THR A 273 11.46 12.59 -73.85
N CYS A 274 10.31 12.54 -73.19
CA CYS A 274 9.72 13.75 -72.63
C CYS A 274 10.60 14.37 -71.55
N LYS A 275 11.31 13.55 -70.78
CA LYS A 275 12.14 14.07 -69.71
C LYS A 275 13.39 14.80 -70.22
N THR A 276 13.80 14.53 -71.46
CA THR A 276 15.02 15.11 -72.01
C THR A 276 14.78 16.02 -73.20
N SER A 277 13.66 15.89 -73.91
CA SER A 277 13.42 16.67 -75.11
C SER A 277 12.99 18.08 -74.74
N GLY A 278 12.50 18.83 -75.72
CA GLY A 278 12.17 20.23 -75.52
C GLY A 278 10.71 20.46 -75.18
N SER A 279 9.96 21.02 -76.14
CA SER A 279 8.56 21.38 -75.93
C SER A 279 7.73 20.19 -75.51
N CYS A 280 7.24 20.21 -74.26
CA CYS A 280 6.38 19.15 -73.73
C CYS A 280 5.34 19.81 -72.84
N ARG A 281 4.10 19.89 -73.33
CA ARG A 281 3.04 20.54 -72.57
C ARG A 281 2.72 19.75 -71.30
N GLY A 282 2.41 20.48 -70.23
CA GLY A 282 2.10 19.84 -68.97
C GLY A 282 1.78 20.86 -67.91
N ASP A 283 1.53 20.37 -66.70
CA ASP A 283 1.22 21.22 -65.57
C ASP A 283 2.44 22.06 -65.19
N MET A 284 2.18 23.21 -64.56
CA MET A 284 3.26 24.13 -64.21
C MET A 284 4.23 23.49 -63.21
N GLN A 285 3.75 22.57 -62.37
CA GLN A 285 4.65 21.86 -61.47
C GLN A 285 5.66 21.02 -62.24
N PHE A 286 5.18 20.22 -63.20
CA PHE A 286 6.08 19.48 -64.06
C PHE A 286 6.84 20.40 -65.01
N CYS A 287 6.23 21.53 -65.37
CA CYS A 287 6.87 22.47 -66.28
C CYS A 287 8.12 23.06 -65.65
N LYS A 288 8.05 23.41 -64.36
CA LYS A 288 9.15 24.08 -63.67
C LYS A 288 10.36 23.18 -63.46
N VAL A 289 10.23 21.87 -63.64
CA VAL A 289 11.32 20.93 -63.36
C VAL A 289 11.78 20.21 -64.62
N ALA A 290 10.85 19.81 -65.50
CA ALA A 290 11.21 19.00 -66.66
C ALA A 290 12.10 19.77 -67.63
N GLY A 291 11.81 21.06 -67.83
CA GLY A 291 12.50 21.82 -68.85
C GLY A 291 11.59 22.10 -70.03
N CYS A 292 10.34 22.41 -69.73
CA CYS A 292 9.32 22.61 -70.76
C CYS A 292 9.64 23.83 -71.61
N GLU A 293 9.04 23.87 -72.80
CA GLU A 293 9.14 25.00 -73.71
C GLU A 293 7.74 25.40 -74.17
N HIS A 294 7.62 26.65 -74.59
CA HIS A 294 6.33 27.21 -74.99
C HIS A 294 6.43 27.79 -76.39
N GLY A 295 5.31 27.76 -77.11
CA GLY A 295 5.26 28.29 -78.45
C GLY A 295 3.88 28.11 -79.03
N GLU A 296 3.74 28.55 -80.28
CA GLU A 296 2.46 28.42 -80.97
C GLU A 296 2.21 26.96 -81.34
N GLU A 297 1.07 26.43 -80.93
CA GLU A 297 0.73 25.03 -81.17
C GLU A 297 -0.78 24.93 -81.38
N ALA A 298 -1.28 23.70 -81.37
CA ALA A 298 -2.69 23.42 -81.56
C ALA A 298 -3.10 22.31 -80.58
N SER A 299 -4.27 21.73 -80.80
CA SER A 299 -4.80 20.66 -79.95
C SER A 299 -4.08 19.35 -80.28
N GLU A 300 -2.79 19.32 -79.99
CA GLU A 300 -1.93 18.17 -80.23
C GLU A 300 -1.06 17.92 -79.00
N ALA A 301 -1.68 17.89 -77.83
CA ALA A 301 -0.96 17.71 -76.58
C ALA A 301 -0.20 16.38 -76.56
N LYS A 302 1.07 16.43 -76.16
CA LYS A 302 1.92 15.25 -76.12
C LYS A 302 1.97 14.73 -74.69
N CYS A 303 0.89 14.05 -74.30
CA CYS A 303 0.78 13.42 -72.99
C CYS A 303 0.96 14.44 -71.85
N ARG A 304 0.19 15.51 -71.93
CA ARG A 304 0.19 16.52 -70.87
C ARG A 304 -0.39 15.95 -69.59
N CYS A 305 0.24 16.27 -68.46
CA CYS A 305 -0.19 15.70 -67.18
C CYS A 305 0.30 16.59 -66.04
N SER A 306 0.24 16.03 -64.83
CA SER A 306 0.54 16.76 -63.60
C SER A 306 1.16 15.78 -62.61
N LEU A 307 1.18 16.17 -61.34
CA LEU A 307 1.79 15.38 -60.27
C LEU A 307 0.72 14.55 -59.58
N VAL A 308 1.02 13.26 -59.37
CA VAL A 308 0.02 12.35 -58.82
C VAL A 308 -0.27 12.69 -57.37
N HIS A 309 -1.54 12.59 -56.98
CA HIS A 309 -1.98 13.00 -55.66
C HIS A 309 -1.54 11.98 -54.62
N LYS A 310 -0.59 12.36 -53.76
CA LYS A 310 -0.14 11.51 -52.67
C LYS A 310 0.56 12.38 -51.64
N PRO A 311 0.45 12.08 -50.34
CA PRO A 311 1.14 12.89 -49.34
C PRO A 311 2.66 12.90 -49.49
N GLY A 312 3.25 11.79 -49.93
CA GLY A 312 4.69 11.74 -50.12
C GLY A 312 5.33 10.47 -49.59
N GLU A 313 6.50 10.60 -48.98
CA GLU A 313 7.24 9.47 -48.43
C GLU A 313 7.48 9.70 -46.95
N VAL A 314 7.48 8.61 -46.19
CA VAL A 314 7.56 8.65 -44.73
C VAL A 314 8.97 8.29 -44.29
N VAL A 315 9.43 8.94 -43.22
CA VAL A 315 10.66 8.58 -42.54
C VAL A 315 10.35 8.40 -41.06
N VAL A 316 11.24 7.71 -40.36
CA VAL A 316 11.06 7.38 -38.96
C VAL A 316 12.27 7.88 -38.18
N SER A 317 12.02 8.45 -37.00
CA SER A 317 13.06 9.10 -36.21
C SER A 317 13.15 8.49 -34.82
N TYR A 318 13.24 7.16 -34.75
CA TYR A 318 13.31 6.48 -33.46
C TYR A 318 14.59 6.83 -32.73
N GLY A 319 14.47 7.67 -31.69
CA GLY A 319 15.54 7.95 -30.76
C GLY A 319 16.93 8.11 -31.35
N GLY A 320 17.13 9.12 -32.19
CA GLY A 320 18.42 9.31 -32.80
C GLY A 320 18.46 8.94 -34.27
N MET A 321 19.00 7.74 -34.58
CA MET A 321 19.18 7.34 -35.96
C MET A 321 17.85 7.31 -36.71
N ARG A 322 17.89 7.69 -37.98
CA ARG A 322 16.73 7.76 -38.84
C ARG A 322 16.88 6.78 -39.99
N VAL A 323 15.76 6.28 -40.49
CA VAL A 323 15.74 5.29 -41.56
C VAL A 323 14.45 5.42 -42.34
N ARG A 324 14.56 5.35 -43.67
CA ARG A 324 13.38 5.32 -44.53
C ARG A 324 12.90 3.87 -44.67
N PRO A 325 11.66 3.55 -44.29
CA PRO A 325 11.23 2.16 -44.26
C PRO A 325 10.65 1.68 -45.58
N LYS A 326 10.81 0.38 -45.82
CA LYS A 326 10.24 -0.23 -47.02
C LYS A 326 8.72 -0.29 -46.95
N CYS A 327 8.18 -0.65 -45.78
CA CYS A 327 6.74 -0.65 -45.56
C CYS A 327 6.44 -0.12 -44.17
N TYR A 328 5.22 0.39 -44.01
CA TYR A 328 4.80 1.07 -42.79
C TYR A 328 3.31 0.81 -42.63
N GLY A 329 2.92 0.08 -41.59
CA GLY A 329 1.53 -0.30 -41.50
C GLY A 329 1.04 -0.40 -40.07
N PHE A 330 -0.27 -0.60 -39.94
CA PHE A 330 -0.93 -0.78 -38.66
C PHE A 330 -1.99 -1.85 -38.90
N SER A 331 -1.91 -2.95 -38.15
CA SER A 331 -2.79 -4.10 -38.36
C SER A 331 -2.83 -4.95 -37.09
N ARG A 332 -3.72 -5.94 -37.11
CA ARG A 332 -3.80 -6.93 -36.04
C ARG A 332 -2.76 -8.03 -36.25
N MET A 333 -2.50 -8.78 -35.19
CA MET A 333 -1.48 -9.82 -35.25
C MET A 333 -1.73 -10.84 -34.14
N MET A 334 -1.10 -12.00 -34.29
CA MET A 334 -1.23 -13.13 -33.37
C MET A 334 0.03 -13.20 -32.49
N ALA A 335 -0.18 -13.27 -31.17
CA ALA A 335 0.95 -13.35 -30.25
C ALA A 335 0.48 -13.98 -28.94
N THR A 336 1.46 -14.38 -28.13
CA THR A 336 1.22 -14.99 -26.83
C THR A 336 1.68 -14.05 -25.72
N LEU A 337 1.39 -14.44 -24.49
CA LEU A 337 1.77 -13.66 -23.32
C LEU A 337 2.44 -14.57 -22.29
N GLU A 338 3.37 -13.99 -21.53
CA GLU A 338 4.09 -14.74 -20.53
C GLU A 338 3.18 -15.11 -19.36
N VAL A 339 3.37 -16.32 -18.83
CA VAL A 339 2.62 -16.82 -17.68
C VAL A 339 3.61 -17.42 -16.70
N ASN A 340 3.46 -17.10 -15.41
CA ASN A 340 4.33 -17.61 -14.37
C ASN A 340 3.51 -17.87 -13.11
N PRO A 341 3.64 -19.06 -12.51
CA PRO A 341 2.97 -19.33 -11.23
C PRO A 341 3.86 -19.00 -10.05
N PRO A 342 3.93 -17.74 -9.63
CA PRO A 342 4.88 -17.35 -8.58
C PRO A 342 4.47 -17.76 -7.17
N GLU A 343 3.26 -18.28 -6.98
CA GLU A 343 2.74 -18.59 -5.66
C GLU A 343 3.42 -19.84 -5.12
N GLN A 344 4.46 -19.65 -4.32
CA GLN A 344 5.16 -20.76 -3.69
C GLN A 344 5.27 -20.62 -2.19
N ARG A 345 5.50 -19.40 -1.69
CA ARG A 345 5.65 -19.11 -0.26
C ARG A 345 6.84 -19.85 0.35
N THR A 346 7.11 -19.62 1.62
CA THR A 346 8.27 -20.24 2.25
C THR A 346 7.93 -20.94 3.55
N GLY A 347 7.01 -20.39 4.35
CA GLY A 347 6.70 -20.97 5.65
C GLY A 347 6.98 -20.03 6.79
N GLN A 348 7.92 -20.42 7.67
CA GLN A 348 8.30 -19.60 8.81
C GLN A 348 9.66 -20.09 9.29
N CYS A 349 10.66 -19.20 9.24
CA CYS A 349 11.99 -19.42 9.83
C CYS A 349 12.62 -20.73 9.38
N THR A 350 13.70 -21.15 10.06
CA THR A 350 14.22 -22.51 9.94
C THR A 350 14.93 -22.83 11.26
N GLY A 351 14.20 -23.48 12.16
CA GLY A 351 14.78 -23.88 13.45
C GLY A 351 15.23 -22.74 14.34
N CYS A 352 14.43 -21.69 14.45
CA CYS A 352 14.73 -20.63 15.41
C CYS A 352 14.51 -21.15 16.84
N HIS A 353 15.23 -20.55 17.79
CA HIS A 353 15.07 -20.90 19.19
C HIS A 353 15.10 -19.64 20.04
N LEU A 354 14.40 -19.68 21.16
CA LEU A 354 14.25 -18.54 22.06
C LEU A 354 15.07 -18.78 23.32
N GLU A 355 15.89 -17.79 23.69
CA GLU A 355 16.67 -17.83 24.91
C GLU A 355 16.13 -16.80 25.89
N CYS A 356 16.73 -16.76 27.08
CA CYS A 356 16.38 -15.78 28.10
C CYS A 356 17.63 -15.49 28.92
N ILE A 357 18.22 -14.31 28.73
CA ILE A 357 19.50 -13.99 29.33
C ILE A 357 19.30 -13.25 30.64
N ASN A 358 18.73 -12.05 30.58
CA ASN A 358 18.54 -11.24 31.79
C ASN A 358 17.49 -10.17 31.50
N GLY A 359 16.32 -10.29 32.12
CA GLY A 359 15.29 -9.29 31.98
C GLY A 359 14.74 -9.14 30.58
N GLY A 360 14.98 -10.11 29.70
CA GLY A 360 14.50 -10.02 28.34
C GLY A 360 14.93 -11.18 27.46
N VAL A 361 14.07 -11.54 26.51
CA VAL A 361 14.34 -12.66 25.61
C VAL A 361 15.41 -12.25 24.61
N ARG A 362 15.95 -13.23 23.89
CA ARG A 362 16.97 -12.99 22.88
C ARG A 362 16.65 -13.85 21.66
N LEU A 363 16.18 -13.22 20.59
CA LEU A 363 15.79 -13.95 19.40
C LEU A 363 17.01 -14.39 18.61
N ILE A 364 16.85 -15.51 17.90
CA ILE A 364 17.89 -16.05 17.02
C ILE A 364 17.27 -16.37 15.67
N THR A 365 17.89 -15.89 14.60
CA THR A 365 17.41 -16.14 13.24
C THR A 365 18.55 -16.73 12.42
N LEU A 366 18.24 -17.80 11.67
CA LEU A 366 19.24 -18.52 10.89
C LEU A 366 19.10 -18.32 9.39
N THR A 367 17.88 -18.23 8.87
CA THR A 367 17.69 -18.15 7.43
C THR A 367 18.25 -16.84 6.87
N SER A 368 17.94 -15.72 7.52
CA SER A 368 18.38 -14.41 7.06
C SER A 368 18.32 -13.44 8.24
N GLU A 369 18.60 -12.17 7.96
CA GLU A 369 18.55 -11.16 9.00
C GLU A 369 17.11 -10.87 9.40
N LEU A 370 16.96 -10.07 10.46
CA LEU A 370 15.66 -9.74 11.03
C LEU A 370 15.26 -8.33 10.61
N LYS A 371 14.08 -8.21 10.02
CA LYS A 371 13.58 -6.91 9.56
C LYS A 371 12.80 -6.18 10.65
N SER A 372 11.85 -6.87 11.29
CA SER A 372 11.09 -6.30 12.38
C SER A 372 10.31 -7.42 13.07
N ALA A 373 10.32 -7.39 14.41
CA ALA A 373 9.61 -8.38 15.21
C ALA A 373 8.98 -7.69 16.40
N THR A 374 7.87 -8.25 16.87
CA THR A 374 7.10 -7.69 17.99
C THR A 374 6.95 -8.77 19.06
N VAL A 375 7.72 -8.65 20.13
CA VAL A 375 7.66 -9.61 21.22
C VAL A 375 6.53 -9.25 22.16
N CYS A 376 5.69 -10.23 22.47
CA CYS A 376 4.55 -10.08 23.37
C CYS A 376 4.86 -10.83 24.67
N ALA A 377 5.06 -10.07 25.75
CA ALA A 377 5.37 -10.64 27.04
C ALA A 377 4.07 -10.93 27.80
N SER A 378 4.16 -11.18 29.10
CA SER A 378 2.97 -11.46 29.90
C SER A 378 2.04 -10.27 29.92
N HIS A 379 2.55 -9.09 30.28
CA HIS A 379 1.74 -7.89 30.41
C HIS A 379 2.39 -6.69 29.73
N PHE A 380 3.20 -6.95 28.70
CA PHE A 380 3.91 -5.87 28.01
C PHE A 380 4.06 -6.25 26.54
N CYS A 381 4.74 -5.37 25.81
CA CYS A 381 5.08 -5.61 24.42
C CYS A 381 6.33 -4.82 24.09
N SER A 382 7.07 -5.27 23.08
CA SER A 382 8.26 -4.54 22.68
C SER A 382 8.57 -4.84 21.22
N SER A 383 9.37 -3.97 20.63
CA SER A 383 9.76 -4.08 19.23
C SER A 383 11.26 -4.35 19.13
N ALA A 384 11.64 -5.18 18.17
CA ALA A 384 13.03 -5.56 18.01
C ALA A 384 13.85 -4.40 17.46
N THR A 385 15.16 -4.42 17.75
CA THR A 385 16.06 -3.39 17.25
C THR A 385 16.24 -3.49 15.74
N SER A 386 16.28 -4.71 15.21
CA SER A 386 16.34 -5.01 13.79
C SER A 386 17.68 -4.66 13.16
N GLY A 387 18.13 -5.48 12.22
CA GLY A 387 19.37 -5.23 11.51
C GLY A 387 20.38 -6.37 11.60
N LYS A 388 20.47 -7.01 12.75
CA LYS A 388 21.44 -8.05 12.99
C LYS A 388 20.78 -9.43 12.90
N LYS A 389 21.53 -10.47 13.26
CA LYS A 389 21.00 -11.83 13.30
C LYS A 389 20.59 -12.23 14.72
N SER A 390 21.50 -12.14 15.67
CA SER A 390 21.21 -12.48 17.06
C SER A 390 20.86 -11.21 17.83
N THR A 391 19.65 -10.71 17.56
CA THR A 391 19.20 -9.47 18.17
C THR A 391 18.87 -9.68 19.64
N GLU A 392 18.92 -8.60 20.40
CA GLU A 392 18.62 -8.60 21.83
C GLU A 392 17.49 -7.63 22.10
N ILE A 393 16.48 -8.09 22.81
CA ILE A 393 15.29 -7.31 23.14
C ILE A 393 15.17 -7.24 24.66
N GLN A 394 14.99 -6.03 25.19
CA GLN A 394 14.88 -5.81 26.62
C GLN A 394 13.52 -5.22 26.95
N PHE A 395 12.85 -5.77 27.95
CA PHE A 395 11.59 -5.24 28.44
C PHE A 395 11.86 -4.21 29.55
N HIS A 396 10.78 -3.69 30.13
CA HIS A 396 10.92 -2.79 31.26
C HIS A 396 11.38 -3.57 32.49
N SER A 397 12.44 -3.07 33.13
CA SER A 397 12.97 -3.73 34.32
C SER A 397 12.03 -3.51 35.50
N GLY A 398 11.90 -4.53 36.34
CA GLY A 398 11.08 -4.42 37.54
C GLY A 398 9.99 -5.45 37.64
N SER A 399 9.34 -5.77 36.52
CA SER A 399 8.24 -6.75 36.51
C SER A 399 8.43 -7.70 35.34
N LEU A 400 9.19 -8.78 35.59
CA LEU A 400 9.24 -9.94 34.70
C LEU A 400 9.28 -11.21 35.52
N VAL A 401 8.53 -11.24 36.62
CA VAL A 401 8.61 -12.33 37.59
C VAL A 401 7.72 -13.49 37.16
N GLY A 402 7.93 -14.65 37.79
CA GLY A 402 7.10 -15.81 37.52
C GLY A 402 7.46 -16.51 36.22
N ARG A 403 6.50 -17.31 35.75
CA ARG A 403 6.62 -18.02 34.48
C ARG A 403 5.81 -17.32 33.42
N THR A 404 6.45 -16.98 32.31
CA THR A 404 5.81 -16.25 31.24
C THR A 404 5.46 -17.19 30.09
N ALA A 405 4.85 -16.62 29.04
CA ALA A 405 4.40 -17.35 27.86
C ALA A 405 4.80 -16.60 26.60
N ILE A 406 6.09 -16.27 26.51
CA ILE A 406 6.64 -15.45 25.42
C ILE A 406 6.12 -15.90 24.06
N HIS A 407 5.57 -14.96 23.30
CA HIS A 407 4.95 -15.24 22.01
C HIS A 407 5.39 -14.16 21.04
N VAL A 408 6.08 -14.54 19.97
CA VAL A 408 6.69 -13.60 19.05
C VAL A 408 6.05 -13.75 17.68
N LYS A 409 5.93 -12.63 16.97
CA LYS A 409 5.42 -12.58 15.61
C LYS A 409 6.22 -11.53 14.85
N GLY A 410 6.56 -11.84 13.59
CA GLY A 410 7.33 -10.89 12.83
C GLY A 410 7.52 -11.34 11.40
N ALA A 411 8.31 -10.56 10.68
CA ALA A 411 8.61 -10.84 9.28
C ALA A 411 10.08 -10.63 9.01
N LEU A 412 10.67 -11.53 8.23
CA LEU A 412 12.07 -11.44 7.83
C LEU A 412 12.15 -10.83 6.43
N VAL A 413 13.37 -10.74 5.91
CA VAL A 413 13.59 -10.26 4.55
C VAL A 413 13.21 -11.36 3.57
N ASP A 414 13.07 -11.00 2.29
CA ASP A 414 12.68 -11.93 1.23
C ASP A 414 11.30 -12.54 1.48
N GLY A 415 10.43 -11.79 2.14
CA GLY A 415 9.03 -12.16 2.26
C GLY A 415 8.73 -13.45 2.99
N THR A 416 9.03 -13.50 4.29
CA THR A 416 8.65 -14.60 5.15
C THR A 416 8.04 -14.05 6.43
N GLU A 417 6.93 -14.63 6.87
CA GLU A 417 6.26 -14.24 8.10
C GLU A 417 6.32 -15.41 9.07
N PHE A 418 6.85 -15.16 10.27
CA PHE A 418 7.11 -16.22 11.23
C PHE A 418 6.56 -15.87 12.60
N THR A 419 6.00 -16.88 13.26
CA THR A 419 5.51 -16.78 14.63
C THR A 419 6.15 -17.89 15.45
N PHE A 420 6.34 -17.64 16.74
CA PHE A 420 6.98 -18.60 17.61
C PHE A 420 6.48 -18.44 19.04
N GLU A 421 6.66 -19.50 19.83
CA GLU A 421 6.30 -19.50 21.23
C GLU A 421 7.49 -19.91 22.07
N GLY A 422 7.26 -20.14 23.37
CA GLY A 422 8.34 -20.53 24.27
C GLY A 422 8.29 -19.79 25.58
N SER A 423 9.15 -20.16 26.51
CA SER A 423 9.16 -19.54 27.84
C SER A 423 10.53 -19.74 28.46
N CYS A 424 10.67 -19.33 29.71
CA CYS A 424 11.91 -19.49 30.47
C CYS A 424 11.60 -19.31 31.95
N MET A 425 12.64 -19.40 32.77
CA MET A 425 12.52 -19.25 34.21
C MET A 425 13.08 -17.91 34.63
N PHE A 426 12.32 -17.19 35.45
CA PHE A 426 12.67 -15.87 35.95
C PHE A 426 12.51 -15.86 37.46
N PRO A 427 13.17 -14.93 38.15
CA PRO A 427 13.05 -14.89 39.62
C PRO A 427 11.60 -14.74 40.06
N ASP A 428 11.26 -15.44 41.14
CA ASP A 428 9.89 -15.46 41.64
C ASP A 428 9.66 -14.40 42.72
N GLY A 429 10.46 -14.44 43.79
CA GLY A 429 10.33 -13.48 44.86
C GLY A 429 11.57 -12.62 45.04
N CYS A 430 12.18 -12.23 43.93
CA CYS A 430 13.41 -11.44 43.94
C CYS A 430 13.16 -10.10 43.25
N ASP A 431 13.53 -9.01 43.92
CA ASP A 431 13.37 -7.66 43.39
C ASP A 431 14.69 -6.94 43.23
N ALA A 432 15.56 -7.01 44.24
CA ALA A 432 16.95 -6.52 44.16
C ALA A 432 17.02 -5.03 43.83
N VAL A 433 16.54 -4.22 44.77
CA VAL A 433 16.62 -2.78 44.67
C VAL A 433 17.47 -2.26 45.82
N ASP A 434 18.15 -1.13 45.59
CA ASP A 434 19.07 -0.60 46.59
C ASP A 434 18.36 0.21 47.67
N CYS A 435 17.76 1.34 47.28
CA CYS A 435 17.06 2.20 48.24
C CYS A 435 16.00 2.99 47.46
N THR A 436 14.78 2.46 47.42
CA THR A 436 13.63 3.13 46.84
C THR A 436 12.39 2.74 47.64
N PHE A 437 11.21 2.97 47.06
CA PHE A 437 9.94 2.61 47.67
C PHE A 437 9.68 1.11 47.68
N CYS A 438 10.47 0.33 46.94
CA CYS A 438 10.20 -1.09 46.80
C CYS A 438 10.52 -1.88 48.06
N ARG A 439 11.31 -1.33 48.98
CA ARG A 439 11.78 -2.07 50.14
C ARG A 439 11.00 -1.76 51.42
N GLU A 440 10.63 -0.49 51.65
CA GLU A 440 10.05 -0.12 52.94
C GLU A 440 8.75 -0.85 53.22
N PHE A 441 8.05 -1.31 52.18
CA PHE A 441 6.87 -2.14 52.38
C PHE A 441 7.20 -3.63 52.45
N LEU A 442 8.46 -4.00 52.21
CA LEU A 442 8.88 -5.40 52.18
C LEU A 442 10.20 -5.54 52.93
N LYS A 443 10.11 -5.87 54.21
CA LYS A 443 11.29 -6.11 55.03
C LYS A 443 11.59 -7.59 55.17
N ASN A 444 10.86 -8.46 54.45
CA ASN A 444 11.08 -9.89 54.64
C ASN A 444 12.24 -10.48 53.81
N PRO A 445 12.21 -10.55 52.44
CA PRO A 445 13.45 -10.86 51.73
C PRO A 445 14.37 -9.66 51.65
N GLN A 446 13.79 -8.60 51.08
CA GLN A 446 14.52 -7.43 50.58
C GLN A 446 15.92 -7.82 50.13
N CYS A 447 15.97 -8.59 49.03
CA CYS A 447 17.24 -9.08 48.48
C CYS A 447 18.08 -9.67 49.62
N TYR A 448 19.20 -9.01 49.98
CA TYR A 448 19.96 -9.45 51.17
C TYR A 448 19.07 -9.36 52.40
N PRO A 449 18.73 -10.50 52.99
CA PRO A 449 17.98 -10.47 54.28
C PRO A 449 18.62 -9.69 55.46
N ALA A 450 19.94 -9.80 55.60
CA ALA A 450 20.69 -9.10 56.65
C ALA A 450 21.12 -7.72 56.14
N LYS A 451 20.09 -6.94 55.78
CA LYS A 451 20.29 -5.57 55.33
C LYS A 451 19.46 -4.55 56.10
N LYS A 452 18.33 -4.95 56.69
CA LYS A 452 17.51 -4.05 57.48
C LYS A 452 18.24 -3.59 58.75
N TRP A 453 19.17 -4.40 59.27
CA TRP A 453 19.92 -4.00 60.45
C TRP A 453 20.76 -2.76 60.19
N LEU A 454 21.34 -2.65 59.00
CA LEU A 454 22.11 -1.46 58.66
C LEU A 454 21.24 -0.22 58.72
N PHE A 455 20.05 -0.30 58.13
CA PHE A 455 19.12 0.83 58.16
C PHE A 455 18.73 1.19 59.59
N ILE A 456 18.43 0.18 60.41
CA ILE A 456 18.01 0.45 61.79
C ILE A 456 19.13 1.12 62.57
N ILE A 457 20.36 0.60 62.45
CA ILE A 457 21.49 1.15 63.20
C ILE A 457 21.77 2.59 62.75
N ILE A 458 21.77 2.83 61.44
CA ILE A 458 22.06 4.18 60.95
C ILE A 458 20.99 5.15 61.39
N VAL A 459 19.72 4.75 61.30
CA VAL A 459 18.64 5.67 61.65
C VAL A 459 18.64 5.97 63.15
N ILE A 460 18.95 4.97 63.99
CA ILE A 460 18.95 5.24 65.43
C ILE A 460 20.16 6.08 65.80
N LEU A 461 21.31 5.88 65.15
CA LEU A 461 22.47 6.72 65.41
C LEU A 461 22.19 8.17 65.02
N LEU A 462 21.56 8.38 63.85
CA LEU A 462 21.22 9.74 63.45
C LEU A 462 20.14 10.34 64.36
N GLY A 463 19.21 9.53 64.85
CA GLY A 463 18.22 10.03 65.78
C GLY A 463 18.82 10.48 67.09
N TYR A 464 19.79 9.72 67.61
CA TYR A 464 20.47 10.15 68.83
C TYR A 464 21.32 11.39 68.59
N ALA A 465 22.08 11.42 67.50
CA ALA A 465 22.80 12.64 67.13
C ALA A 465 21.97 13.50 66.18
N GLY A 466 20.70 13.67 66.52
CA GLY A 466 19.83 14.66 65.93
C GLY A 466 18.97 15.27 67.02
N LEU A 467 19.08 14.69 68.21
CA LEU A 467 18.44 15.21 69.42
C LEU A 467 19.45 15.77 70.41
N MET A 468 20.70 15.27 70.38
CA MET A 468 21.75 15.86 71.20
C MET A 468 21.92 17.34 70.91
N LEU A 469 21.72 17.74 69.65
CA LEU A 469 21.72 19.16 69.30
C LEU A 469 20.30 19.73 69.39
N LEU A 470 19.64 19.43 70.50
CA LEU A 470 18.40 20.11 70.88
C LEU A 470 18.48 20.53 72.34
N THR A 471 19.19 19.72 73.15
CA THR A 471 19.40 20.09 74.54
C THR A 471 20.34 21.28 74.66
N ASN A 472 21.32 21.38 73.75
CA ASN A 472 22.19 22.55 73.73
C ASN A 472 21.40 23.81 73.46
N VAL A 473 20.44 23.74 72.51
CA VAL A 473 19.58 24.90 72.23
C VAL A 473 18.66 25.18 73.42
N LEU A 474 18.11 24.13 74.03
CA LEU A 474 17.20 24.32 75.15
C LEU A 474 17.89 24.98 76.34
N LYS A 475 19.12 24.57 76.63
CA LYS A 475 19.85 25.16 77.74
C LYS A 475 20.57 26.45 77.35
N ALA A 476 21.05 26.53 76.11
CA ALA A 476 21.65 27.74 75.57
C ALA A 476 20.82 28.15 74.36
N ILE A 477 19.84 29.01 74.58
CA ILE A 477 18.89 29.38 73.55
C ILE A 477 19.53 30.36 72.59
N GLY A 478 19.47 30.06 71.31
CA GLY A 478 20.11 30.88 70.30
C GLY A 478 19.36 32.13 69.87
N ILE A 479 18.21 32.41 70.48
CA ILE A 479 17.42 33.57 70.08
C ILE A 479 17.77 34.80 70.90
N TRP A 480 18.45 34.64 72.04
CA TRP A 480 18.78 35.80 72.87
C TRP A 480 19.78 36.72 72.16
N GLY A 481 20.60 36.18 71.27
CA GLY A 481 21.45 37.03 70.44
C GLY A 481 20.63 37.93 69.53
N SER A 482 19.48 37.43 69.06
CA SER A 482 18.52 38.24 68.32
C SER A 482 17.63 39.06 69.24
N TRP A 483 17.75 38.89 70.55
CA TRP A 483 17.01 39.68 71.52
C TRP A 483 17.65 41.03 71.81
N VAL A 484 18.56 41.49 70.94
CA VAL A 484 19.19 42.79 71.11
C VAL A 484 18.82 43.76 69.99
N ILE A 485 18.24 43.30 68.89
CA ILE A 485 17.88 44.17 67.78
C ILE A 485 16.37 44.42 67.78
N ALA A 486 15.60 43.46 68.31
CA ALA A 486 14.18 43.72 68.53
C ALA A 486 13.93 44.82 69.55
N PRO A 487 14.63 44.88 70.69
CA PRO A 487 14.45 46.04 71.58
C PRO A 487 14.82 47.36 70.94
N VAL A 488 15.67 47.36 69.91
CA VAL A 488 15.93 48.59 69.18
C VAL A 488 14.66 49.08 68.50
N LYS A 489 13.98 48.20 67.76
CA LYS A 489 12.72 48.57 67.14
C LYS A 489 11.68 48.94 68.19
N LEU A 490 11.69 48.26 69.34
CA LEU A 490 10.79 48.63 70.42
C LEU A 490 11.08 50.04 70.94
N ILE A 491 12.36 50.41 71.00
CA ILE A 491 12.74 51.75 71.44
C ILE A 491 12.26 52.79 70.43
N PHE A 492 12.42 52.52 69.14
CA PHE A 492 11.87 53.43 68.13
C PHE A 492 10.36 53.55 68.22
N ALA A 493 9.66 52.42 68.43
CA ALA A 493 8.21 52.47 68.58
C ALA A 493 7.80 53.28 69.80
N ILE A 494 8.55 53.13 70.90
CA ILE A 494 8.27 53.91 72.10
C ILE A 494 8.49 55.39 71.85
N ILE A 495 9.59 55.75 71.18
CA ILE A 495 9.86 57.15 70.89
C ILE A 495 8.75 57.72 70.01
N LYS A 496 8.27 56.94 69.05
CA LYS A 496 7.16 57.39 68.22
C LYS A 496 5.90 57.62 69.07
N LYS A 497 5.62 56.71 70.01
CA LYS A 497 4.43 56.85 70.85
C LYS A 497 4.49 58.09 71.73
N LEU A 498 5.63 58.33 72.38
CA LEU A 498 5.84 59.53 73.18
C LEU A 498 6.09 60.81 72.37
N MET A 499 6.25 60.71 71.05
CA MET A 499 6.34 61.93 70.24
C MET A 499 5.07 62.74 70.29
N ARG A 500 3.91 62.07 70.30
CA ARG A 500 2.61 62.76 70.23
C ARG A 500 2.30 63.60 71.46
N THR A 501 3.05 63.45 72.55
CA THR A 501 2.77 64.21 73.77
C THR A 501 3.14 65.68 73.65
N VAL A 502 3.85 66.09 72.60
CA VAL A 502 4.33 67.45 72.48
C VAL A 502 3.37 68.33 71.66
N SER A 503 2.76 67.76 70.62
CA SER A 503 1.84 68.55 69.78
C SER A 503 0.59 68.91 70.56
N CYS A 504 0.03 67.96 71.31
CA CYS A 504 -1.15 68.24 72.12
C CYS A 504 -0.84 69.27 73.20
N LEU A 505 0.44 69.52 73.48
CA LEU A 505 0.83 70.60 74.38
C LEU A 505 0.96 71.93 73.66
N MET A 506 1.75 71.98 72.58
CA MET A 506 2.02 73.26 71.94
C MET A 506 0.77 73.83 71.27
N GLY A 507 0.07 73.01 70.48
CA GLY A 507 -1.13 73.49 69.82
C GLY A 507 -2.20 73.93 70.81
N LYS A 508 -2.41 73.14 71.86
CA LYS A 508 -3.37 73.52 72.89
C LYS A 508 -2.96 74.80 73.61
N LEU A 509 -1.66 74.98 73.84
CA LEU A 509 -1.20 76.21 74.46
C LEU A 509 -1.48 77.41 73.58
N MET A 510 -1.21 77.31 72.28
CA MET A 510 -1.51 78.41 71.36
C MET A 510 -3.00 78.70 71.32
N ASP A 511 -3.83 77.65 71.26
CA ASP A 511 -5.28 77.85 71.22
C ASP A 511 -5.77 78.49 72.51
N ARG A 512 -5.25 78.05 73.65
CA ARG A 512 -5.64 78.63 74.93
C ARG A 512 -5.24 80.09 75.02
N GLY A 513 -4.03 80.43 74.55
CA GLY A 513 -3.62 81.82 74.56
C GLY A 513 -4.49 82.68 73.67
N ARG A 514 -4.81 82.20 72.46
CA ARG A 514 -5.66 82.96 71.57
C ARG A 514 -7.06 83.12 72.15
N GLN A 515 -7.57 82.08 72.81
CA GLN A 515 -8.88 82.18 73.46
C GLN A 515 -8.86 83.20 74.59
N VAL A 516 -7.81 83.16 75.42
CA VAL A 516 -7.72 84.08 76.56
C VAL A 516 -7.62 85.52 76.09
N ILE A 517 -6.87 85.75 75.00
CA ILE A 517 -6.73 87.10 74.47
C ILE A 517 -8.09 87.64 74.03
N HIS A 518 -8.94 86.78 73.48
CA HIS A 518 -10.26 87.17 73.00
C HIS A 518 -11.38 86.84 73.98
N GLU A 519 -11.05 86.40 75.19
CA GLU A 519 -12.05 86.13 76.21
C GLU A 519 -12.22 87.28 77.20
N GLU A 520 -11.50 88.39 77.02
CA GLU A 520 -11.60 89.49 77.95
C GLU A 520 -12.90 90.27 77.79
N ILE A 521 -13.47 90.27 76.59
CA ILE A 521 -14.70 91.00 76.33
C ILE A 521 -15.88 90.29 76.98
N GLU B 1 -7.00 -20.80 31.28
CA GLU B 1 -8.11 -21.15 32.15
C GLU B 1 -8.26 -20.14 33.28
N SER B 2 -8.76 -18.96 32.96
CA SER B 2 -8.92 -17.90 33.95
C SER B 2 -9.98 -16.93 33.46
N CYS B 3 -10.43 -16.07 34.38
CA CYS B 3 -11.41 -15.04 34.08
C CYS B 3 -11.16 -13.86 35.03
N ASP B 4 -11.72 -12.71 34.67
CA ASP B 4 -11.64 -11.54 35.54
C ASP B 4 -12.73 -10.56 35.12
N GLU B 5 -13.10 -9.69 36.06
CA GLU B 5 -14.14 -8.69 35.85
C GLU B 5 -15.46 -9.33 35.43
N MET B 6 -16.02 -10.12 36.35
CA MET B 6 -17.31 -10.76 36.12
C MET B 6 -18.41 -9.72 36.02
N VAL B 7 -19.44 -10.05 35.24
CA VAL B 7 -20.59 -9.17 35.08
C VAL B 7 -21.88 -9.95 35.33
N HIS B 8 -21.75 -11.28 35.44
CA HIS B 8 -22.87 -12.17 35.70
C HIS B 8 -23.91 -12.17 34.58
N ALA B 9 -23.64 -11.43 33.52
CA ALA B 9 -24.49 -11.34 32.33
C ALA B 9 -25.91 -10.95 32.76
N ASP B 10 -26.91 -11.32 31.97
CA ASP B 10 -28.30 -11.02 32.27
C ASP B 10 -29.15 -12.26 32.09
N SER B 11 -29.97 -12.58 33.08
CA SER B 11 -30.90 -13.69 33.01
C SER B 11 -32.32 -13.16 32.78
N LYS B 12 -33.27 -14.09 32.77
CA LYS B 12 -34.71 -13.82 32.60
C LYS B 12 -35.05 -13.48 31.15
N LEU B 13 -34.04 -13.29 30.29
CA LEU B 13 -34.30 -13.09 28.87
C LEU B 13 -34.13 -14.36 28.05
N VAL B 14 -33.63 -15.44 28.64
CA VAL B 14 -33.46 -16.69 27.90
C VAL B 14 -34.82 -17.35 27.68
N SER B 15 -34.93 -18.06 26.56
CA SER B 15 -36.13 -18.83 26.24
C SER B 15 -35.72 -20.30 26.12
N CYS B 16 -36.18 -21.11 27.07
CA CYS B 16 -35.74 -22.50 27.14
C CYS B 16 -36.41 -23.34 26.05
N ARG B 17 -35.83 -24.52 25.81
CA ARG B 17 -36.36 -25.48 24.86
C ARG B 17 -36.12 -26.88 25.42
N GLN B 18 -36.45 -27.90 24.63
CA GLN B 18 -36.28 -29.28 25.08
C GLN B 18 -36.33 -30.20 23.87
N GLY B 19 -35.45 -31.19 23.86
CA GLY B 19 -35.47 -32.21 22.82
C GLY B 19 -34.06 -32.69 22.50
N SER B 20 -34.02 -33.78 21.74
CA SER B 20 -32.78 -34.35 21.21
C SER B 20 -31.86 -34.86 22.34
N GLY B 21 -32.40 -35.72 23.19
CA GLY B 21 -31.61 -36.39 24.21
C GLY B 21 -30.95 -35.44 25.19
N ASN B 22 -31.76 -34.81 26.06
CA ASN B 22 -31.30 -33.77 26.95
C ASN B 22 -30.84 -32.59 26.11
N MET B 23 -29.79 -31.88 26.52
CA MET B 23 -29.27 -30.74 25.76
C MET B 23 -30.38 -29.70 25.55
N LYS B 24 -30.76 -29.07 26.67
CA LYS B 24 -31.95 -28.22 26.72
C LYS B 24 -31.97 -27.17 25.61
N GLU B 25 -30.81 -26.58 25.30
CA GLU B 25 -30.67 -25.54 24.27
C GLU B 25 -31.37 -24.24 24.66
N CYS B 26 -30.87 -23.11 24.17
CA CYS B 26 -31.43 -21.81 24.54
C CYS B 26 -31.05 -20.77 23.48
N VAL B 27 -31.77 -19.66 23.51
CA VAL B 27 -31.46 -18.48 22.70
C VAL B 27 -31.66 -17.25 23.56
N THR B 28 -30.78 -16.26 23.40
CA THR B 28 -30.78 -15.09 24.27
C THR B 28 -30.52 -13.83 23.48
N THR B 29 -31.11 -12.72 23.94
CA THR B 29 -30.85 -11.38 23.43
C THR B 29 -30.64 -10.44 24.62
N GLY B 30 -29.61 -9.59 24.54
CA GLY B 30 -29.32 -8.71 25.64
C GLY B 30 -28.20 -7.70 25.42
N ARG B 31 -27.45 -7.40 26.48
CA ARG B 31 -26.39 -6.41 26.45
C ARG B 31 -25.49 -6.62 27.66
N ALA B 32 -24.34 -5.94 27.65
CA ALA B 32 -23.38 -6.05 28.73
C ALA B 32 -22.44 -4.84 28.68
N LEU B 33 -21.68 -4.67 29.76
CA LEU B 33 -20.76 -3.54 29.91
C LEU B 33 -19.41 -4.01 30.49
N LEU B 34 -18.82 -5.05 29.87
CA LEU B 34 -17.57 -5.60 30.39
C LEU B 34 -16.48 -4.53 30.44
N PRO B 35 -15.70 -4.48 31.51
CA PRO B 35 -14.58 -3.51 31.58
C PRO B 35 -13.46 -3.87 30.61
N ALA B 36 -12.59 -2.89 30.38
CA ALA B 36 -11.55 -3.01 29.36
C ALA B 36 -10.39 -3.89 29.81
N VAL B 37 -9.94 -3.73 31.08
CA VAL B 37 -8.89 -4.45 31.79
C VAL B 37 -7.58 -4.30 31.03
N ASN B 38 -6.45 -4.72 31.62
CA ASN B 38 -5.15 -4.57 31.01
C ASN B 38 -4.94 -5.58 29.89
N PRO B 39 -4.02 -5.30 28.96
CA PRO B 39 -3.73 -6.26 27.88
C PRO B 39 -3.00 -7.49 28.37
N GLY B 40 -3.69 -8.63 28.37
CA GLY B 40 -3.12 -9.87 28.86
C GLY B 40 -4.11 -10.65 29.70
N GLN B 41 -5.06 -9.93 30.29
CA GLN B 41 -6.13 -10.55 31.07
C GLN B 41 -7.35 -10.76 30.18
N GLU B 42 -8.49 -11.12 30.78
CA GLU B 42 -9.70 -11.32 30.00
C GLU B 42 -10.92 -11.00 30.86
N ALA B 43 -11.97 -10.52 30.20
CA ALA B 43 -13.27 -10.27 30.81
C ALA B 43 -14.28 -11.22 30.18
N CYS B 44 -15.17 -11.77 31.01
CA CYS B 44 -16.05 -12.85 30.59
C CYS B 44 -17.51 -12.47 30.80
N LEU B 45 -18.40 -13.31 30.27
CA LEU B 45 -19.84 -13.06 30.22
C LEU B 45 -20.61 -14.26 30.74
N HIS B 46 -20.25 -14.71 31.95
CA HIS B 46 -20.84 -15.91 32.56
C HIS B 46 -22.35 -15.92 32.45
N PHE B 47 -22.88 -16.89 31.72
CA PHE B 47 -24.31 -17.05 31.51
C PHE B 47 -24.92 -17.95 32.58
N THR B 48 -26.24 -17.95 32.65
CA THR B 48 -26.97 -18.80 33.59
C THR B 48 -28.31 -19.16 33.00
N ALA B 49 -28.87 -20.27 33.48
CA ALA B 49 -30.20 -20.71 33.10
C ALA B 49 -31.04 -20.92 34.35
N PRO B 50 -32.32 -20.55 34.33
CA PRO B 50 -33.13 -20.66 35.56
C PRO B 50 -33.27 -22.07 36.09
N GLY B 51 -33.38 -23.07 35.21
CA GLY B 51 -33.60 -24.43 35.65
C GLY B 51 -32.37 -25.31 35.66
N SER B 52 -31.61 -25.31 34.56
CA SER B 52 -30.50 -26.24 34.43
C SER B 52 -29.33 -25.84 35.31
N PRO B 53 -28.64 -26.80 35.92
CA PRO B 53 -27.45 -26.50 36.73
C PRO B 53 -26.16 -26.55 35.91
N ASP B 54 -26.11 -25.73 34.86
CA ASP B 54 -24.93 -25.65 34.01
C ASP B 54 -24.80 -24.23 33.47
N SER B 55 -23.58 -23.88 33.07
CA SER B 55 -23.30 -22.53 32.60
C SER B 55 -22.27 -22.60 31.48
N LYS B 56 -22.27 -21.54 30.67
CA LYS B 56 -21.28 -21.39 29.60
C LYS B 56 -20.77 -19.96 29.61
N CYS B 57 -19.50 -19.80 29.25
CA CYS B 57 -18.81 -18.52 29.35
C CYS B 57 -18.60 -17.91 27.97
N LEU B 58 -18.15 -16.65 27.98
CA LEU B 58 -17.82 -15.91 26.76
C LEU B 58 -16.77 -14.88 27.16
N LYS B 59 -15.51 -15.19 26.91
CA LYS B 59 -14.40 -14.37 27.40
C LYS B 59 -13.80 -13.54 26.28
N ILE B 60 -13.40 -12.31 26.61
CA ILE B 60 -12.78 -11.38 25.68
C ILE B 60 -11.37 -11.09 26.18
N LYS B 61 -10.38 -11.36 25.34
CA LYS B 61 -8.98 -11.17 25.70
C LYS B 61 -8.35 -10.14 24.77
N VAL B 62 -7.63 -9.18 25.36
CA VAL B 62 -7.01 -8.09 24.61
C VAL B 62 -5.50 -8.29 24.64
N LYS B 63 -4.86 -8.10 23.48
CA LYS B 63 -3.41 -8.22 23.35
C LYS B 63 -2.75 -6.87 23.10
N ARG B 64 -3.13 -6.17 22.04
CA ARG B 64 -2.59 -4.85 21.73
C ARG B 64 -3.73 -3.84 21.68
N ILE B 65 -3.49 -2.67 22.25
CA ILE B 65 -4.48 -1.62 22.39
C ILE B 65 -3.94 -0.34 21.75
N ASN B 66 -3.23 -0.50 20.64
CA ASN B 66 -2.44 0.56 20.02
C ASN B 66 -3.35 1.68 19.50
N LEU B 67 -2.73 2.66 18.83
CA LEU B 67 -3.39 3.90 18.41
C LEU B 67 -3.49 3.94 16.89
N LYS B 68 -3.98 2.87 16.29
CA LYS B 68 -4.14 2.79 14.84
C LYS B 68 -5.06 3.89 14.33
N CYS B 69 -5.10 4.05 13.01
CA CYS B 69 -5.82 5.13 12.35
C CYS B 69 -7.09 4.61 11.69
N LYS B 70 -7.88 5.57 11.18
CA LYS B 70 -9.10 5.26 10.47
C LYS B 70 -8.81 5.12 8.97
N LYS B 71 -9.86 5.07 8.15
CA LYS B 71 -9.69 4.88 6.71
C LYS B 71 -10.88 5.53 6.01
N SER B 72 -10.66 6.71 5.44
CA SER B 72 -11.72 7.36 4.67
C SER B 72 -11.92 6.67 3.33
N SER B 73 -10.83 6.34 2.63
CA SER B 73 -10.89 5.69 1.34
C SER B 73 -9.51 5.09 1.05
N SER B 74 -9.41 4.37 -0.06
CA SER B 74 -8.15 3.74 -0.46
C SER B 74 -8.01 3.82 -1.96
N TYR B 75 -6.76 3.86 -2.43
CA TYR B 75 -6.51 3.87 -3.87
C TYR B 75 -5.09 3.39 -4.13
N PHE B 76 -4.78 3.22 -5.42
CA PHE B 76 -3.49 2.73 -5.85
C PHE B 76 -2.84 3.75 -6.78
N VAL B 77 -1.59 4.09 -6.48
CA VAL B 77 -0.81 5.07 -7.23
C VAL B 77 0.29 4.32 -7.99
N PRO B 78 0.31 4.39 -9.32
CA PRO B 78 1.45 3.86 -10.07
C PRO B 78 2.45 4.95 -10.44
N ASP B 79 3.74 4.60 -10.47
CA ASP B 79 4.74 5.53 -10.98
C ASP B 79 4.63 5.62 -12.50
N ALA B 80 4.75 6.83 -13.03
CA ALA B 80 4.53 7.07 -14.45
C ALA B 80 5.65 7.92 -15.03
N ARG B 81 6.13 7.52 -16.20
CA ARG B 81 7.03 8.33 -17.01
C ARG B 81 6.20 9.15 -18.01
N SER B 82 6.85 9.76 -19.00
CA SER B 82 6.16 10.55 -20.01
C SER B 82 6.62 10.11 -21.39
N ARG B 83 5.67 9.94 -22.31
CA ARG B 83 5.95 9.55 -23.68
C ARG B 83 5.16 10.43 -24.63
N CYS B 84 5.71 10.64 -25.83
CA CYS B 84 5.10 11.52 -26.81
C CYS B 84 5.33 10.98 -28.22
N THR B 85 4.42 11.33 -29.13
CA THR B 85 4.54 11.00 -30.54
C THR B 85 4.06 12.18 -31.37
N SER B 86 4.60 12.29 -32.59
CA SER B 86 4.31 13.42 -33.45
C SER B 86 4.25 12.97 -34.90
N VAL B 87 3.46 13.68 -35.69
CA VAL B 87 3.30 13.43 -37.12
C VAL B 87 3.26 14.77 -37.85
N ARG B 88 4.03 14.88 -38.92
CA ARG B 88 4.10 16.09 -39.73
C ARG B 88 3.52 15.83 -41.12
N ARG B 89 2.70 16.77 -41.59
CA ARG B 89 2.09 16.69 -42.90
C ARG B 89 2.47 17.93 -43.72
N CYS B 90 2.03 17.94 -44.97
CA CYS B 90 2.21 19.08 -45.87
C CYS B 90 0.84 19.50 -46.40
N ARG B 91 0.71 20.79 -46.69
CA ARG B 91 -0.56 21.36 -47.15
C ARG B 91 -0.69 21.15 -48.67
N TRP B 92 -0.89 19.89 -49.04
CA TRP B 92 -1.08 19.54 -50.44
C TRP B 92 -2.30 18.64 -50.62
N ALA B 93 -2.64 17.89 -49.56
CA ALA B 93 -3.76 16.97 -49.61
C ALA B 93 -5.08 17.69 -49.30
N GLY B 94 -6.18 16.97 -49.46
CA GLY B 94 -7.50 17.47 -49.18
C GLY B 94 -7.98 17.23 -47.76
N ASP B 95 -7.13 16.72 -46.88
CA ASP B 95 -7.53 16.44 -45.51
C ASP B 95 -7.37 17.64 -44.59
N CYS B 96 -6.26 18.36 -44.70
CA CYS B 96 -5.98 19.52 -43.86
C CYS B 96 -5.70 20.73 -44.74
N GLN B 97 -6.24 21.88 -44.34
CA GLN B 97 -6.04 23.13 -45.05
C GLN B 97 -5.34 24.19 -44.21
N SER B 98 -5.81 24.41 -42.98
CA SER B 98 -5.19 25.41 -42.10
C SER B 98 -5.44 24.99 -40.66
N GLY B 99 -4.44 24.35 -40.04
CA GLY B 99 -4.56 23.96 -38.65
C GLY B 99 -5.74 23.03 -38.42
N CYS B 100 -6.55 23.35 -37.42
CA CYS B 100 -7.73 22.56 -37.10
C CYS B 100 -8.94 23.16 -37.80
N PRO B 101 -9.57 22.47 -38.75
CA PRO B 101 -10.73 23.02 -39.46
C PRO B 101 -11.85 23.43 -38.53
N PRO B 102 -12.21 22.63 -37.49
CA PRO B 102 -13.28 23.08 -36.59
C PRO B 102 -12.75 23.91 -35.43
N HIS B 103 -13.66 24.34 -34.54
CA HIS B 103 -13.26 25.14 -33.39
C HIS B 103 -12.36 24.34 -32.44
N SER B 104 -12.68 23.07 -32.23
CA SER B 104 -11.94 22.22 -31.32
C SER B 104 -11.62 20.89 -31.98
N THR B 105 -10.53 20.27 -31.54
CA THR B 105 -10.13 18.97 -32.07
C THR B 105 -11.14 17.90 -31.67
N SER B 106 -11.49 17.05 -32.63
CA SER B 106 -12.44 15.96 -32.42
C SER B 106 -11.84 14.65 -32.90
N ASN B 107 -12.05 13.60 -32.11
CA ASN B 107 -11.54 12.24 -32.40
C ASN B 107 -10.02 12.35 -32.51
N SER B 108 -9.40 11.83 -33.58
CA SER B 108 -7.96 11.94 -33.77
C SER B 108 -7.56 12.43 -35.15
N PHE B 109 -8.48 12.45 -36.11
CA PHE B 109 -8.27 12.96 -37.47
C PHE B 109 -7.25 12.17 -38.26
N SER B 110 -6.73 11.06 -37.71
CA SER B 110 -5.76 10.24 -38.40
C SER B 110 -5.73 8.85 -37.77
N ASP B 111 -5.16 7.90 -38.51
CA ASP B 111 -4.97 6.55 -38.04
C ASP B 111 -3.52 6.37 -37.58
N ASP B 112 -3.21 5.14 -37.14
CA ASP B 112 -1.87 4.71 -36.77
C ASP B 112 -1.47 5.35 -35.43
N TRP B 113 -2.30 6.25 -34.92
CA TRP B 113 -1.98 6.93 -33.68
C TRP B 113 -1.97 5.95 -32.51
N ALA B 114 -1.04 6.16 -31.58
CA ALA B 114 -0.88 5.29 -30.42
C ALA B 114 -1.93 5.62 -29.36
N GLY B 115 -3.19 5.56 -29.77
CA GLY B 115 -4.31 5.77 -28.87
C GLY B 115 -5.37 4.71 -29.05
N LYS B 116 -5.22 3.88 -30.08
CA LYS B 116 -6.12 2.77 -30.34
C LYS B 116 -5.60 1.44 -29.80
N MET B 117 -4.45 1.44 -29.14
CA MET B 117 -3.87 0.23 -28.59
C MET B 117 -4.44 -0.01 -27.19
N ASP B 118 -3.87 -0.98 -26.47
CA ASP B 118 -4.35 -1.35 -25.15
C ASP B 118 -3.53 -0.77 -24.01
N ARG B 119 -2.23 -0.61 -24.20
CA ARG B 119 -1.33 -0.11 -23.17
C ARG B 119 -1.01 1.37 -23.32
N ALA B 120 -1.72 2.08 -24.21
CA ALA B 120 -1.39 3.47 -24.49
C ALA B 120 -1.62 4.36 -23.28
N GLY B 121 -2.76 4.19 -22.61
CA GLY B 121 -3.12 5.05 -21.50
C GLY B 121 -3.84 6.30 -21.95
N LEU B 122 -4.06 7.20 -20.99
CA LEU B 122 -4.76 8.45 -21.26
C LEU B 122 -3.91 9.35 -22.16
N GLY B 123 -4.58 10.06 -23.06
CA GLY B 123 -3.89 10.94 -24.00
C GLY B 123 -4.63 12.24 -24.18
N PHE B 124 -3.94 13.19 -24.81
CA PHE B 124 -4.49 14.51 -25.12
C PHE B 124 -3.95 14.91 -26.50
N SER B 125 -4.72 14.59 -27.54
CA SER B 125 -4.31 14.91 -28.90
C SER B 125 -4.31 16.42 -29.11
N GLY B 126 -3.34 16.90 -29.89
CA GLY B 126 -3.25 18.33 -30.16
C GLY B 126 -2.66 18.60 -31.52
N CYS B 127 -2.94 19.81 -32.02
CA CYS B 127 -2.44 20.25 -33.31
C CYS B 127 -1.74 21.60 -33.14
N SER B 128 -0.74 21.84 -33.98
CA SER B 128 0.05 23.07 -33.90
C SER B 128 0.63 23.39 -35.26
N ASP B 129 1.28 24.54 -35.35
CA ASP B 129 1.86 25.03 -36.59
C ASP B 129 3.37 24.95 -36.52
N GLY B 130 3.98 24.42 -37.59
CA GLY B 130 5.43 24.32 -37.69
C GLY B 130 5.92 24.86 -39.02
N CYS B 131 7.21 24.70 -39.23
CA CYS B 131 7.85 25.24 -40.44
C CYS B 131 7.35 24.51 -41.68
N GLY B 132 7.37 25.24 -42.79
CA GLY B 132 6.98 24.67 -44.08
C GLY B 132 7.64 25.42 -45.20
N GLY B 133 7.95 24.70 -46.27
CA GLY B 133 8.59 25.27 -47.44
C GLY B 133 9.64 24.33 -47.97
N ALA B 134 10.50 24.87 -48.84
CA ALA B 134 11.55 24.06 -49.45
C ALA B 134 12.57 23.60 -48.41
N ALA B 135 12.90 24.47 -47.44
CA ALA B 135 13.90 24.12 -46.46
C ALA B 135 13.44 23.03 -45.49
N CYS B 136 12.13 22.85 -45.32
CA CYS B 136 11.62 21.87 -44.38
C CYS B 136 11.07 20.62 -45.06
N GLY B 137 10.59 20.72 -46.30
CA GLY B 137 10.14 19.53 -47.01
C GLY B 137 8.70 19.57 -47.47
N CYS B 138 8.14 20.76 -47.64
CA CYS B 138 6.79 20.93 -48.17
C CYS B 138 6.86 21.70 -49.48
N PHE B 139 5.85 21.49 -50.33
CA PHE B 139 5.77 22.15 -51.63
C PHE B 139 4.98 23.44 -51.59
N ASN B 140 4.52 23.87 -50.42
CA ASN B 140 3.75 25.09 -50.27
C ASN B 140 4.45 26.02 -49.27
N ALA B 141 4.44 27.31 -49.57
CA ALA B 141 5.10 28.30 -48.72
C ALA B 141 4.15 28.81 -47.64
N ALA B 142 3.68 27.86 -46.83
CA ALA B 142 2.79 28.15 -45.71
C ALA B 142 3.19 27.25 -44.55
N PRO B 143 2.92 27.68 -43.31
CA PRO B 143 3.27 26.84 -42.15
C PRO B 143 2.56 25.50 -42.20
N SER B 144 3.30 24.44 -41.87
CA SER B 144 2.77 23.09 -41.92
C SER B 144 2.06 22.74 -40.62
N CYS B 145 1.29 21.65 -40.66
CA CYS B 145 0.53 21.19 -39.51
C CYS B 145 1.29 20.06 -38.80
N ILE B 146 1.32 20.12 -37.47
CA ILE B 146 1.97 19.11 -36.65
C ILE B 146 0.92 18.55 -35.69
N PHE B 147 0.78 17.23 -35.67
CA PHE B 147 -0.18 16.56 -34.80
C PHE B 147 0.60 15.77 -33.75
N TRP B 148 0.36 16.07 -32.48
CA TRP B 148 1.11 15.45 -31.40
C TRP B 148 0.16 14.80 -30.40
N ARG B 149 0.63 13.69 -29.82
CA ARG B 149 -0.11 12.96 -28.80
C ARG B 149 0.83 12.62 -27.65
N LYS B 150 0.39 12.90 -26.43
CA LYS B 150 1.19 12.67 -25.23
C LYS B 150 0.47 11.71 -24.30
N TRP B 151 1.23 10.86 -23.61
CA TRP B 151 0.64 9.91 -22.68
C TRP B 151 1.69 9.52 -21.65
N VAL B 152 1.30 8.65 -20.72
CA VAL B 152 2.17 8.16 -19.67
C VAL B 152 2.19 6.63 -19.71
N GLU B 153 3.32 6.06 -19.26
CA GLU B 153 3.50 4.62 -19.23
C GLU B 153 4.11 4.22 -17.90
N ASN B 154 4.07 2.92 -17.61
CA ASN B 154 4.61 2.37 -16.37
C ASN B 154 5.52 1.17 -16.69
N PRO B 155 6.75 1.44 -17.10
CA PRO B 155 7.79 0.40 -17.07
C PRO B 155 8.03 -0.01 -15.58
N HIS B 156 9.00 -0.89 -15.34
CA HIS B 156 9.17 -1.44 -14.00
C HIS B 156 7.88 -2.12 -13.55
N GLY B 157 7.14 -1.51 -12.62
CA GLY B 157 5.98 -2.21 -12.08
C GLY B 157 5.76 -2.13 -10.59
N ILE B 158 6.21 -1.04 -9.96
CA ILE B 158 5.91 -0.77 -8.55
C ILE B 158 4.46 -0.33 -8.46
N ILE B 159 3.85 -0.46 -7.28
CA ILE B 159 2.46 -0.06 -7.08
C ILE B 159 2.25 0.34 -5.62
N TRP B 160 1.66 1.51 -5.37
CA TRP B 160 1.55 2.03 -4.02
C TRP B 160 0.10 2.02 -3.55
N LYS B 161 -0.13 1.53 -2.33
CA LYS B 161 -1.45 1.51 -1.71
C LYS B 161 -1.55 2.66 -0.72
N VAL B 162 -2.54 3.54 -0.92
CA VAL B 162 -2.65 4.77 -0.15
C VAL B 162 -4.04 4.82 0.48
N SER B 163 -4.11 5.29 1.72
CA SER B 163 -5.38 5.47 2.42
C SER B 163 -5.37 6.80 3.16
N PRO B 164 -6.00 7.83 2.60
CA PRO B 164 -6.02 9.14 3.27
C PRO B 164 -6.95 9.12 4.47
N CYS B 165 -6.45 9.60 5.61
CA CYS B 165 -7.21 9.56 6.84
C CYS B 165 -6.58 10.43 7.92
N ALA B 166 -7.38 11.28 8.57
CA ALA B 166 -6.94 12.02 9.75
C ALA B 166 -8.00 11.85 10.84
N ALA B 167 -7.97 10.71 11.53
CA ALA B 167 -8.73 10.51 12.76
C ALA B 167 -7.83 10.10 13.91
N TRP B 168 -7.00 9.07 13.72
CA TRP B 168 -6.07 8.56 14.72
C TRP B 168 -6.75 8.37 16.07
N VAL B 169 -7.73 7.45 16.09
CA VAL B 169 -8.48 7.14 17.30
C VAL B 169 -7.97 5.83 17.89
N PRO B 170 -8.01 5.65 19.21
CA PRO B 170 -7.49 4.41 19.80
C PRO B 170 -8.27 3.18 19.32
N SER B 171 -7.55 2.07 19.21
CA SER B 171 -8.13 0.80 18.79
C SER B 171 -7.51 -0.31 19.61
N ALA B 172 -7.89 -1.55 19.31
CA ALA B 172 -7.37 -2.70 20.04
C ALA B 172 -7.54 -3.94 19.18
N VAL B 173 -6.89 -5.02 19.60
CA VAL B 173 -7.06 -6.33 19.00
C VAL B 173 -7.59 -7.27 20.08
N ILE B 174 -8.56 -8.11 19.71
CA ILE B 174 -9.20 -9.01 20.65
C ILE B 174 -9.34 -10.40 20.03
N GLU B 175 -9.44 -11.39 20.92
CA GLU B 175 -9.63 -12.79 20.56
C GLU B 175 -10.95 -13.26 21.15
N LEU B 176 -12.04 -13.03 20.42
CA LEU B 176 -13.36 -13.43 20.88
C LEU B 176 -13.50 -14.94 20.79
N THR B 177 -14.35 -15.49 21.64
CA THR B 177 -14.60 -16.93 21.65
C THR B 177 -16.07 -17.21 21.94
N MET B 178 -16.66 -18.08 21.13
CA MET B 178 -18.01 -18.54 21.38
C MET B 178 -18.01 -19.48 22.60
N PRO B 179 -19.16 -19.66 23.24
CA PRO B 179 -19.20 -20.60 24.37
C PRO B 179 -18.79 -22.01 24.01
N SER B 180 -19.24 -22.54 22.88
CA SER B 180 -19.02 -23.95 22.57
C SER B 180 -17.55 -24.29 22.36
N GLY B 181 -16.98 -23.89 21.23
CA GLY B 181 -15.58 -24.17 20.97
C GLY B 181 -14.84 -23.19 20.08
N GLU B 182 -15.49 -22.11 19.67
CA GLU B 182 -14.96 -21.28 18.60
C GLU B 182 -14.02 -20.20 19.15
N VAL B 183 -13.06 -19.80 18.33
CA VAL B 183 -12.12 -18.73 18.65
C VAL B 183 -11.80 -17.98 17.37
N ARG B 184 -11.99 -16.66 17.39
CA ARG B 184 -11.67 -15.82 16.25
C ARG B 184 -11.17 -14.48 16.75
N THR B 185 -10.15 -13.95 16.08
CA THR B 185 -9.52 -12.69 16.47
C THR B 185 -9.87 -11.59 15.47
N PHE B 186 -10.20 -10.41 16.00
CA PHE B 186 -10.43 -9.26 15.14
C PHE B 186 -10.17 -7.98 15.93
N HIS B 187 -10.24 -6.85 15.21
CA HIS B 187 -9.82 -5.55 15.75
C HIS B 187 -10.97 -4.57 15.78
N PRO B 188 -11.50 -4.23 16.94
CA PRO B 188 -12.50 -3.15 17.02
C PRO B 188 -11.84 -1.78 17.01
N MET B 189 -12.66 -0.78 16.69
CA MET B 189 -12.25 0.61 16.71
C MET B 189 -13.17 1.40 17.63
N SER B 190 -12.64 2.51 18.16
CA SER B 190 -13.35 3.30 19.16
C SER B 190 -14.47 4.09 18.50
N GLY B 191 -15.60 3.42 18.30
CA GLY B 191 -16.78 4.09 17.79
C GLY B 191 -17.58 3.31 16.77
N ILE B 192 -17.02 2.23 16.24
CA ILE B 192 -17.70 1.48 15.18
C ILE B 192 -17.78 0.01 15.57
N PRO B 193 -18.84 -0.70 15.15
CA PRO B 193 -18.93 -2.14 15.45
C PRO B 193 -17.96 -2.98 14.65
N THR B 194 -18.01 -4.30 14.82
CA THR B 194 -17.07 -5.21 14.15
C THR B 194 -17.79 -6.30 13.39
N GLN B 195 -19.02 -6.04 12.93
CA GLN B 195 -19.81 -6.98 12.15
C GLN B 195 -20.20 -8.22 12.95
N VAL B 196 -21.27 -8.88 12.55
CA VAL B 196 -21.78 -10.05 13.26
C VAL B 196 -21.03 -11.29 12.78
N PHE B 197 -20.43 -12.02 13.73
CA PHE B 197 -19.77 -13.28 13.40
C PHE B 197 -20.73 -14.45 13.55
N LYS B 198 -21.25 -14.67 14.77
CA LYS B 198 -22.25 -15.70 14.99
C LYS B 198 -23.37 -15.17 15.89
N GLY B 199 -23.52 -13.85 16.00
CA GLY B 199 -24.55 -13.26 16.82
C GLY B 199 -24.00 -12.40 17.93
N VAL B 200 -22.71 -12.12 17.90
CA VAL B 200 -22.05 -11.31 18.92
C VAL B 200 -21.30 -10.18 18.24
N SER B 201 -21.60 -8.94 18.62
CA SER B 201 -20.91 -7.77 18.12
C SER B 201 -20.35 -7.00 19.31
N VAL B 202 -19.04 -6.82 19.33
CA VAL B 202 -18.36 -6.18 20.44
C VAL B 202 -17.73 -4.88 19.96
N THR B 203 -18.01 -3.79 20.66
CA THR B 203 -17.49 -2.48 20.31
C THR B 203 -16.79 -1.86 21.50
N TYR B 204 -15.86 -0.95 21.21
CA TYR B 204 -14.95 -0.35 22.17
C TYR B 204 -15.26 1.12 22.34
N LEU B 205 -15.08 1.63 23.56
CA LEU B 205 -15.27 3.04 23.86
C LEU B 205 -14.02 3.55 24.57
N GLY B 206 -13.26 4.41 23.89
CA GLY B 206 -12.02 4.95 24.41
C GLY B 206 -12.20 6.29 25.08
N SER B 207 -11.08 6.99 25.26
CA SER B 207 -11.08 8.30 25.89
C SER B 207 -10.66 9.43 24.95
N ASP B 208 -10.38 9.13 23.68
CA ASP B 208 -10.02 10.13 22.68
C ASP B 208 -8.82 10.96 23.13
N MET B 209 -7.68 10.28 23.29
CA MET B 209 -6.44 10.94 23.68
C MET B 209 -5.88 11.68 22.47
N GLU B 210 -5.95 13.01 22.52
CA GLU B 210 -5.51 13.82 21.39
C GLU B 210 -3.99 13.76 21.22
N VAL B 211 -3.55 13.70 19.97
CA VAL B 211 -2.12 13.71 19.65
C VAL B 211 -1.61 15.13 19.66
N SER B 212 -0.29 15.30 19.65
CA SER B 212 0.28 16.64 19.72
C SER B 212 0.13 17.36 18.38
N GLY B 213 0.78 16.85 17.33
CA GLY B 213 0.61 17.43 16.01
C GLY B 213 0.45 16.38 14.93
N LEU B 214 -0.70 16.37 14.26
CA LEU B 214 -0.95 15.44 13.16
C LEU B 214 -1.96 16.08 12.22
N THR B 215 -1.44 16.71 11.16
CA THR B 215 -2.29 17.26 10.11
C THR B 215 -2.74 16.15 9.17
N ASP B 216 -3.27 16.50 8.00
CA ASP B 216 -3.62 15.49 7.02
C ASP B 216 -2.39 14.67 6.66
N LEU B 217 -2.37 13.40 7.07
CA LEU B 217 -1.26 12.50 6.82
C LEU B 217 -1.81 11.16 6.37
N CYS B 218 -1.13 10.53 5.42
CA CYS B 218 -1.59 9.29 4.81
C CYS B 218 -0.51 8.23 4.94
N GLU B 219 -0.93 7.00 5.26
CA GLU B 219 0.00 5.88 5.37
C GLU B 219 0.14 5.23 4.00
N ILE B 220 1.33 5.34 3.42
CA ILE B 220 1.61 4.75 2.12
C ILE B 220 2.44 3.50 2.34
N GLU B 221 2.20 2.48 1.51
CA GLU B 221 2.87 1.20 1.67
C GLU B 221 3.08 0.58 0.29
N GLU B 222 4.33 0.32 -0.07
CA GLU B 222 4.62 -0.38 -1.31
C GLU B 222 4.13 -1.82 -1.22
N LEU B 223 3.77 -2.38 -2.37
CA LEU B 223 3.24 -3.75 -2.43
C LEU B 223 4.23 -4.73 -3.05
N LYS B 224 5.49 -4.35 -3.17
CA LYS B 224 6.54 -5.25 -3.64
C LYS B 224 7.60 -5.52 -2.58
N SER B 225 8.15 -4.46 -1.98
CA SER B 225 9.17 -4.60 -0.95
C SER B 225 8.63 -4.34 0.46
N LYS B 226 7.37 -3.97 0.59
CA LYS B 226 6.72 -3.74 1.88
C LYS B 226 7.48 -2.69 2.71
N LYS B 227 7.56 -1.48 2.15
CA LYS B 227 8.17 -0.34 2.81
C LYS B 227 7.07 0.67 3.13
N LEU B 228 6.92 1.00 4.41
CA LEU B 228 5.82 1.84 4.87
C LEU B 228 6.33 3.22 5.25
N ALA B 229 5.50 4.23 4.99
CA ALA B 229 5.87 5.61 5.31
C ALA B 229 4.61 6.42 5.52
N LEU B 230 4.78 7.61 6.09
CA LEU B 230 3.69 8.57 6.28
C LEU B 230 3.99 9.80 5.44
N ALA B 231 3.08 10.15 4.54
CA ALA B 231 3.27 11.31 3.68
C ALA B 231 1.95 12.02 3.49
N PRO B 232 1.98 13.35 3.33
CA PRO B 232 0.74 14.08 3.03
C PRO B 232 0.15 13.64 1.70
N CYS B 233 -1.18 13.59 1.65
CA CYS B 233 -1.87 13.22 0.43
C CYS B 233 -3.26 13.82 0.47
N ASN B 234 -3.85 13.97 -0.72
CA ASN B 234 -5.16 14.58 -0.87
C ASN B 234 -6.26 13.54 -0.75
N GLN B 235 -7.49 14.01 -0.57
CA GLN B 235 -8.63 13.13 -0.45
C GLN B 235 -8.91 12.42 -1.78
N ALA B 236 -9.77 11.41 -1.72
CA ALA B 236 -10.08 10.63 -2.92
C ALA B 236 -10.76 11.51 -3.96
N GLY B 237 -10.50 11.20 -5.22
CA GLY B 237 -11.08 11.96 -6.32
C GLY B 237 -10.17 13.03 -6.86
N MET B 238 -10.38 14.27 -6.42
CA MET B 238 -9.64 15.40 -6.97
C MET B 238 -8.14 15.24 -6.73
N GLY B 239 -7.35 15.63 -7.72
CA GLY B 239 -5.91 15.58 -7.62
C GLY B 239 -5.26 16.95 -7.72
N VAL B 240 -4.70 17.43 -6.61
CA VAL B 240 -4.05 18.73 -6.57
C VAL B 240 -2.55 18.52 -6.79
N VAL B 241 -2.00 19.28 -7.74
CA VAL B 241 -0.59 19.13 -8.09
C VAL B 241 0.28 19.51 -6.90
N GLY B 242 1.29 18.69 -6.61
CA GLY B 242 2.22 18.98 -5.54
C GLY B 242 2.43 17.82 -4.58
N LYS B 243 1.37 17.08 -4.29
CA LYS B 243 1.42 15.95 -3.37
C LYS B 243 1.21 14.65 -4.14
N VAL B 244 1.35 13.53 -3.43
CA VAL B 244 1.05 12.23 -4.01
C VAL B 244 -0.44 12.11 -4.24
N GLY B 245 -0.83 11.58 -5.41
CA GLY B 245 -2.23 11.46 -5.73
C GLY B 245 -2.61 12.12 -7.05
N GLU B 246 -1.65 12.23 -7.96
CA GLU B 246 -1.91 12.82 -9.26
C GLU B 246 -2.31 11.79 -10.31
N ILE B 247 -2.00 10.52 -10.08
CA ILE B 247 -2.26 9.46 -11.05
C ILE B 247 -3.26 8.52 -10.37
N GLN B 248 -4.18 9.11 -9.61
CA GLN B 248 -5.23 8.40 -8.87
C GLN B 248 -5.80 7.24 -9.68
N CYS B 249 -5.73 6.04 -9.12
CA CYS B 249 -6.39 4.88 -9.70
C CYS B 249 -6.85 3.95 -8.58
N SER B 250 -7.96 3.24 -8.84
CA SER B 250 -8.70 2.56 -7.80
C SER B 250 -8.57 1.04 -7.80
N SER B 251 -8.27 0.43 -8.94
CA SER B 251 -8.23 -1.03 -9.05
C SER B 251 -6.80 -1.49 -9.31
N GLU B 252 -6.34 -2.47 -8.53
CA GLU B 252 -5.02 -3.03 -8.74
C GLU B 252 -5.07 -4.11 -9.81
N GLU B 253 -5.70 -3.79 -10.93
CA GLU B 253 -5.74 -4.66 -12.11
C GLU B 253 -5.46 -3.79 -13.32
N SER B 254 -5.77 -2.50 -13.20
CA SER B 254 -5.50 -1.50 -14.23
C SER B 254 -4.60 -0.40 -13.71
N ALA B 255 -3.94 -0.62 -12.57
CA ALA B 255 -3.02 0.36 -12.01
C ALA B 255 -1.60 0.19 -12.55
N ARG B 256 -1.10 -1.04 -12.60
CA ARG B 256 0.23 -1.28 -13.16
C ARG B 256 0.28 -0.88 -14.64
N THR B 257 -0.75 -1.24 -15.39
CA THR B 257 -0.89 -0.84 -16.79
C THR B 257 -2.03 0.17 -16.85
N ILE B 258 -1.67 1.45 -16.99
CA ILE B 258 -2.67 2.52 -16.91
C ILE B 258 -3.59 2.45 -18.11
N LYS B 259 -4.89 2.36 -17.86
CA LYS B 259 -5.91 2.28 -18.90
C LYS B 259 -6.64 3.61 -19.03
N LYS B 260 -7.24 3.81 -20.20
CA LYS B 260 -7.99 5.04 -20.45
C LYS B 260 -9.15 5.19 -19.47
N ASP B 261 -9.88 4.12 -19.22
CA ASP B 261 -10.97 4.11 -18.26
C ASP B 261 -10.52 3.51 -16.93
N GLY B 262 -11.36 3.68 -15.92
CA GLY B 262 -11.12 3.12 -14.61
C GLY B 262 -10.64 4.10 -13.56
N CYS B 263 -10.01 5.20 -13.98
CA CYS B 263 -9.50 6.17 -13.02
C CYS B 263 -9.26 7.50 -13.71
N ILE B 264 -9.00 8.52 -12.90
CA ILE B 264 -9.00 9.91 -13.33
C ILE B 264 -7.63 10.53 -13.06
N TRP B 265 -7.13 11.29 -14.04
CA TRP B 265 -5.90 12.05 -13.92
C TRP B 265 -6.17 13.49 -14.33
N ASN B 266 -5.23 14.38 -14.03
CA ASN B 266 -5.32 15.78 -14.40
C ASN B 266 -4.37 16.09 -15.55
N ALA B 267 -4.53 17.30 -16.10
CA ALA B 267 -3.66 17.77 -17.17
C ALA B 267 -2.48 18.54 -16.56
N ASP B 268 -1.73 19.24 -17.42
CA ASP B 268 -0.61 20.08 -17.00
C ASP B 268 0.49 19.25 -16.34
N LEU B 269 0.57 17.96 -16.67
CA LEU B 269 1.60 17.08 -16.16
C LEU B 269 2.50 16.51 -17.25
N VAL B 270 2.08 16.57 -18.51
CA VAL B 270 2.83 16.00 -19.62
C VAL B 270 3.02 17.09 -20.68
N GLY B 271 3.11 18.34 -20.22
CA GLY B 271 3.24 19.49 -21.09
C GLY B 271 4.24 19.34 -22.21
N ILE B 272 3.83 19.75 -23.42
CA ILE B 272 4.57 19.48 -24.64
C ILE B 272 4.90 20.82 -25.31
N GLU B 273 6.16 20.98 -25.71
CA GLU B 273 6.58 22.10 -26.53
C GLU B 273 6.95 21.59 -27.92
N LEU B 274 6.61 22.39 -28.94
CA LEU B 274 6.77 22.00 -30.33
C LEU B 274 8.09 22.55 -30.87
N ARG B 275 8.85 21.69 -31.54
CA ARG B 275 10.09 22.09 -32.18
C ARG B 275 9.81 22.52 -33.62
N VAL B 276 10.86 22.65 -34.43
CA VAL B 276 10.67 23.11 -35.81
C VAL B 276 9.92 22.06 -36.63
N ASP B 277 10.18 20.78 -36.37
CA ASP B 277 9.49 19.72 -37.10
C ASP B 277 9.02 18.54 -36.26
N ASP B 278 9.44 18.43 -35.00
CA ASP B 278 9.03 17.31 -34.15
C ASP B 278 8.46 17.80 -32.83
N ALA B 279 8.23 16.89 -31.89
CA ALA B 279 7.73 17.23 -30.57
C ALA B 279 8.39 16.34 -29.53
N VAL B 280 8.95 16.96 -28.49
CA VAL B 280 9.55 16.24 -27.37
C VAL B 280 9.01 16.84 -26.08
N CYS B 281 8.72 15.98 -25.11
CA CYS B 281 8.05 16.40 -23.88
C CYS B 281 8.81 15.89 -22.66
N TYR B 282 8.71 16.65 -21.58
CA TYR B 282 9.35 16.32 -20.31
C TYR B 282 8.30 16.32 -19.21
N SER B 283 8.39 15.35 -18.30
CA SER B 283 7.40 15.18 -17.26
C SER B 283 7.62 16.15 -16.12
N LYS B 284 6.53 16.68 -15.56
CA LYS B 284 6.55 17.52 -14.38
C LYS B 284 6.10 16.78 -13.13
N ILE B 285 5.98 15.45 -13.20
CA ILE B 285 5.47 14.65 -12.09
C ILE B 285 6.57 14.47 -11.05
N THR B 286 6.17 14.26 -9.80
CA THR B 286 7.09 13.99 -8.70
C THR B 286 6.77 12.61 -8.14
N SER B 287 7.78 11.74 -8.09
CA SER B 287 7.60 10.41 -7.53
C SER B 287 7.28 10.49 -6.04
N VAL B 288 6.51 9.52 -5.56
CA VAL B 288 6.11 9.52 -4.16
C VAL B 288 7.30 9.28 -3.23
N GLU B 289 8.42 8.77 -3.77
CA GLU B 289 9.56 8.46 -2.92
C GLU B 289 10.23 9.70 -2.33
N ALA B 290 9.93 10.89 -2.84
CA ALA B 290 10.47 12.12 -2.28
C ALA B 290 9.53 13.27 -2.65
N VAL B 291 8.63 13.62 -1.73
CA VAL B 291 7.72 14.73 -1.98
C VAL B 291 7.80 15.79 -0.89
N ALA B 292 7.40 15.45 0.33
CA ALA B 292 7.41 16.36 1.46
C ALA B 292 7.10 15.56 2.71
N ASN B 293 7.90 15.76 3.76
CA ASN B 293 7.64 15.14 5.05
C ASN B 293 7.55 13.63 4.93
N TYR B 294 8.30 13.11 3.97
CA TYR B 294 8.38 11.68 3.74
C TYR B 294 9.18 11.06 4.87
N SER B 295 8.50 10.38 5.77
CA SER B 295 9.14 9.72 6.90
C SER B 295 9.49 8.29 6.50
N ALA B 296 9.83 7.45 7.48
CA ALA B 296 10.19 6.07 7.22
C ALA B 296 9.53 5.19 8.28
N ILE B 297 9.97 3.94 8.38
CA ILE B 297 9.36 3.00 9.32
C ILE B 297 9.49 3.48 10.76
N PRO B 298 10.68 3.79 11.30
CA PRO B 298 10.74 4.33 12.66
C PRO B 298 10.69 5.85 12.67
N THR B 299 9.77 6.43 13.45
CA THR B 299 9.62 7.87 13.50
C THR B 299 9.19 8.26 14.90
N THR B 300 9.38 9.54 15.23
CA THR B 300 9.05 10.08 16.55
C THR B 300 8.27 11.38 16.40
N ILE B 301 7.24 11.36 15.56
CA ILE B 301 6.38 12.54 15.40
C ILE B 301 5.62 12.79 16.69
N GLY B 302 5.69 14.03 17.16
CA GLY B 302 5.02 14.37 18.41
C GLY B 302 5.64 13.63 19.58
N GLY B 303 4.79 13.12 20.47
CA GLY B 303 5.25 12.35 21.60
C GLY B 303 4.93 10.88 21.50
N LEU B 304 4.71 10.39 20.28
CA LEU B 304 4.37 9.00 20.02
C LEU B 304 5.38 8.40 19.05
N ARG B 305 5.83 7.19 19.36
CA ARG B 305 6.79 6.47 18.51
C ARG B 305 6.01 5.59 17.55
N PHE B 306 5.93 6.01 16.29
CA PHE B 306 5.14 5.31 15.28
C PHE B 306 5.97 4.18 14.68
N GLU B 307 5.89 3.01 15.31
CA GLU B 307 6.59 1.84 14.81
C GLU B 307 5.73 1.14 13.76
N ARG B 308 6.14 -0.05 13.34
CA ARG B 308 5.42 -0.84 12.35
C ARG B 308 4.93 -2.12 13.01
N SER B 309 3.62 -2.37 12.93
CA SER B 309 3.01 -3.54 13.53
C SER B 309 2.54 -4.50 12.45
N HIS B 310 2.64 -5.79 12.74
CA HIS B 310 2.34 -6.85 11.78
C HIS B 310 0.95 -7.39 12.07
N ASP B 311 -0.04 -6.87 11.34
CA ASP B 311 -1.42 -7.27 11.50
C ASP B 311 -2.05 -7.41 10.11
N SER B 312 -3.38 -7.49 10.07
CA SER B 312 -4.11 -7.59 8.82
C SER B 312 -4.82 -6.30 8.42
N LEU B 313 -5.27 -5.50 9.39
CA LEU B 313 -5.94 -4.25 9.13
C LEU B 313 -5.21 -3.11 9.83
N GLY B 314 -5.01 -2.01 9.13
CA GLY B 314 -4.34 -0.86 9.69
C GLY B 314 -2.93 -1.15 10.17
N LYS B 315 -2.03 -1.42 9.23
CA LYS B 315 -0.67 -1.83 9.57
C LYS B 315 0.25 -0.64 9.85
N ILE B 316 -0.23 0.28 10.70
CA ILE B 316 0.56 1.38 11.22
C ILE B 316 0.02 1.70 12.61
N SER B 317 0.87 1.66 13.62
CA SER B 317 0.42 1.78 14.99
C SER B 317 1.27 2.81 15.74
N GLY B 318 0.61 3.61 16.58
CA GLY B 318 1.30 4.48 17.50
C GLY B 318 1.67 3.75 18.79
N SER B 319 2.29 4.50 19.69
CA SER B 319 2.72 3.94 20.97
C SER B 319 3.11 5.05 21.92
N PRO B 320 2.84 4.91 23.22
CA PRO B 320 3.28 5.90 24.20
C PRO B 320 4.73 5.62 24.59
N LEU B 321 5.28 6.48 25.45
CA LEU B 321 6.67 6.37 25.86
C LEU B 321 6.84 5.60 27.17
N ASP B 322 6.28 6.09 28.28
CA ASP B 322 6.55 5.41 29.53
C ASP B 322 5.46 4.41 29.93
N ILE B 323 4.28 4.89 30.34
CA ILE B 323 3.19 3.98 30.63
C ILE B 323 1.88 4.52 30.04
N THR B 324 1.47 5.72 30.47
CA THR B 324 0.21 6.35 30.09
C THR B 324 -0.99 5.50 30.46
N ALA B 325 -2.19 5.97 30.12
CA ALA B 325 -3.40 5.26 30.52
C ALA B 325 -4.57 5.69 29.63
N ILE B 326 -5.43 4.72 29.29
CA ILE B 326 -6.65 4.96 28.53
C ILE B 326 -7.79 4.27 29.25
N ARG B 327 -8.84 5.02 29.58
CA ARG B 327 -9.97 4.52 30.34
C ARG B 327 -11.14 4.28 29.38
N GLY B 328 -11.27 3.04 28.91
CA GLY B 328 -12.35 2.69 28.01
C GLY B 328 -13.13 1.48 28.47
N SER B 329 -14.07 1.01 27.67
CA SER B 329 -14.86 -0.16 28.03
C SER B 329 -15.50 -0.77 26.79
N PHE B 330 -15.72 -2.07 26.84
CA PHE B 330 -16.41 -2.78 25.78
C PHE B 330 -17.91 -2.76 26.03
N SER B 331 -18.67 -3.05 24.99
CA SER B 331 -20.12 -3.19 25.14
C SER B 331 -20.60 -4.29 24.20
N VAL B 332 -20.75 -5.49 24.74
CA VAL B 332 -21.16 -6.64 23.94
C VAL B 332 -22.65 -6.56 23.61
N ASN B 333 -22.99 -6.83 22.37
CA ASN B 333 -24.37 -6.88 21.90
C ASN B 333 -24.58 -8.23 21.24
N TYR B 334 -25.35 -9.10 21.88
CA TYR B 334 -25.60 -10.43 21.36
C TYR B 334 -27.07 -10.57 20.97
N ARG B 335 -27.30 -11.17 19.80
CA ARG B 335 -28.62 -11.19 19.19
C ARG B 335 -29.24 -12.58 19.18
N GLY B 336 -28.56 -13.57 18.60
CA GLY B 336 -29.17 -14.88 18.46
C GLY B 336 -28.24 -16.05 18.70
N LEU B 337 -27.21 -15.86 19.53
CA LEU B 337 -26.29 -16.95 19.83
C LEU B 337 -27.02 -18.05 20.60
N ARG B 338 -26.65 -19.30 20.32
CA ARG B 338 -27.27 -20.46 20.95
C ARG B 338 -26.26 -21.16 21.83
N LEU B 339 -26.73 -21.64 22.98
CA LEU B 339 -25.91 -22.35 23.94
C LEU B 339 -26.62 -23.61 24.39
N SER B 340 -25.84 -24.66 24.67
CA SER B 340 -26.36 -25.95 25.05
C SER B 340 -26.01 -26.25 26.50
N LEU B 341 -27.00 -26.67 27.27
CA LEU B 341 -26.83 -26.96 28.70
C LEU B 341 -27.06 -28.45 28.94
N SER B 342 -26.20 -29.05 29.76
CA SER B 342 -26.24 -30.50 29.97
C SER B 342 -27.51 -30.91 30.70
N GLU B 343 -27.97 -30.10 31.66
CA GLU B 343 -29.16 -30.40 32.46
C GLU B 343 -28.99 -31.70 33.25
N ILE B 344 -27.77 -31.96 33.71
CA ILE B 344 -27.50 -33.13 34.54
C ILE B 344 -26.43 -32.76 35.57
N THR B 345 -26.73 -32.97 36.85
CA THR B 345 -25.76 -32.69 37.89
C THR B 345 -24.67 -33.75 37.90
N ALA B 346 -23.50 -33.37 38.43
CA ALA B 346 -22.36 -34.26 38.47
C ALA B 346 -21.50 -33.95 39.68
N THR B 347 -20.71 -34.93 40.09
CA THR B 347 -19.83 -34.77 41.24
C THR B 347 -18.73 -33.76 40.94
N CYS B 348 -18.35 -33.02 41.97
CA CYS B 348 -17.35 -31.97 41.82
C CYS B 348 -16.76 -31.67 43.20
N THR B 349 -15.50 -32.01 43.41
CA THR B 349 -14.84 -31.77 44.68
C THR B 349 -13.36 -31.53 44.43
N GLY B 350 -12.75 -30.72 45.30
CA GLY B 350 -11.34 -30.43 45.15
C GLY B 350 -10.86 -29.55 46.29
N GLU B 351 -9.58 -29.20 46.21
CA GLU B 351 -8.94 -28.33 47.20
C GLU B 351 -7.75 -27.66 46.55
N VAL B 352 -7.30 -26.56 47.16
CA VAL B 352 -6.19 -25.81 46.61
C VAL B 352 -4.88 -26.46 47.01
N THR B 353 -3.81 -26.05 46.31
CA THR B 353 -2.46 -26.53 46.61
C THR B 353 -1.54 -25.41 47.09
N ASN B 354 -1.49 -24.29 46.37
CA ASN B 354 -0.65 -23.18 46.81
C ASN B 354 -1.11 -21.89 46.13
N VAL B 355 -0.81 -20.78 46.79
CA VAL B 355 -1.04 -19.44 46.27
C VAL B 355 0.29 -18.69 46.27
N SER B 356 0.50 -17.84 45.26
CA SER B 356 1.76 -17.12 45.18
C SER B 356 1.63 -15.98 44.19
N GLY B 357 2.45 -14.94 44.37
CA GLY B 357 2.48 -13.85 43.41
C GLY B 357 2.72 -12.48 43.99
N CYS B 358 1.85 -11.54 43.67
CA CYS B 358 1.98 -10.14 44.06
C CYS B 358 1.14 -9.80 45.28
N TYR B 359 1.35 -8.57 45.75
CA TYR B 359 0.43 -7.80 46.55
C TYR B 359 -0.61 -7.20 45.61
N SER B 360 -1.33 -6.16 46.04
CA SER B 360 -2.07 -5.38 45.05
C SER B 360 -1.11 -4.99 43.94
N CYS B 361 -1.33 -5.56 42.75
CA CYS B 361 -0.34 -5.58 41.69
C CYS B 361 -1.05 -5.31 40.37
N MET B 362 -0.31 -5.44 39.27
CA MET B 362 -0.89 -5.37 37.94
C MET B 362 -1.30 -6.73 37.39
N THR B 363 -1.05 -7.80 38.15
CA THR B 363 -1.37 -9.14 37.69
C THR B 363 -2.09 -10.00 38.72
N GLY B 364 -2.13 -9.60 39.99
CA GLY B 364 -2.78 -10.39 41.01
C GLY B 364 -1.92 -11.56 41.47
N ALA B 365 -2.55 -12.45 42.23
CA ALA B 365 -1.88 -13.62 42.78
C ALA B 365 -2.48 -14.88 42.18
N LYS B 366 -1.61 -15.80 41.76
CA LYS B 366 -2.04 -17.05 41.17
C LYS B 366 -2.34 -18.08 42.26
N VAL B 367 -3.49 -18.73 42.16
CA VAL B 367 -3.91 -19.79 43.07
C VAL B 367 -4.09 -21.05 42.24
N SER B 368 -3.46 -22.14 42.67
CA SER B 368 -3.52 -23.40 41.95
C SER B 368 -4.40 -24.38 42.71
N ILE B 369 -5.42 -24.91 42.04
CA ILE B 369 -6.33 -25.86 42.64
C ILE B 369 -6.31 -27.15 41.83
N LYS B 370 -6.76 -28.23 42.46
CA LYS B 370 -6.84 -29.54 41.84
C LYS B 370 -8.26 -30.05 41.95
N LEU B 371 -8.82 -30.53 40.84
CA LEU B 371 -10.22 -30.93 40.79
C LEU B 371 -10.35 -32.35 40.25
N HIS B 372 -11.43 -33.01 40.65
CA HIS B 372 -11.78 -34.34 40.17
C HIS B 372 -13.25 -34.29 39.79
N SER B 373 -13.52 -34.27 38.48
CA SER B 373 -14.87 -34.09 37.97
C SER B 373 -15.20 -35.14 36.92
N SER B 374 -16.49 -35.34 36.71
CA SER B 374 -17.01 -36.31 35.74
C SER B 374 -17.97 -35.63 34.78
N LYS B 375 -17.66 -34.41 34.37
CA LYS B 375 -18.52 -33.63 33.50
C LYS B 375 -17.67 -32.65 32.72
N ASN B 376 -18.32 -31.68 32.06
CA ASN B 376 -17.64 -30.62 31.33
C ASN B 376 -18.18 -29.25 31.75
N SER B 377 -18.56 -29.11 33.02
CA SER B 377 -19.18 -27.90 33.51
C SER B 377 -18.14 -26.79 33.69
N THR B 378 -18.60 -25.64 34.16
CA THR B 378 -17.74 -24.50 34.41
C THR B 378 -17.81 -24.13 35.89
N ALA B 379 -16.65 -24.00 36.53
CA ALA B 379 -16.60 -23.67 37.94
C ALA B 379 -16.95 -22.20 38.16
N HIS B 380 -17.30 -21.88 39.40
CA HIS B 380 -17.71 -20.55 39.81
C HIS B 380 -17.03 -20.15 41.11
N VAL B 381 -15.71 -20.31 41.17
CA VAL B 381 -14.95 -20.00 42.37
C VAL B 381 -15.18 -18.55 42.75
N ARG B 382 -15.78 -18.33 43.92
CA ARG B 382 -16.08 -16.99 44.42
C ARG B 382 -15.56 -16.86 45.83
N CYS B 383 -15.29 -15.62 46.24
CA CYS B 383 -14.73 -15.34 47.56
C CYS B 383 -15.24 -13.98 48.01
N LYS B 384 -14.60 -13.43 49.04
CA LYS B 384 -14.97 -12.10 49.52
C LYS B 384 -14.63 -11.02 48.50
N GLY B 385 -13.49 -11.16 47.84
CA GLY B 385 -13.08 -10.19 46.84
C GLY B 385 -13.52 -10.55 45.44
N ASP B 386 -12.57 -10.77 44.54
CA ASP B 386 -12.90 -11.12 43.17
C ASP B 386 -13.45 -12.55 43.09
N GLU B 387 -14.04 -12.87 41.95
CA GLU B 387 -14.51 -14.21 41.65
C GLU B 387 -14.04 -14.58 40.24
N THR B 388 -13.88 -15.88 40.02
CA THR B 388 -13.29 -16.37 38.78
C THR B 388 -14.05 -17.59 38.29
N ALA B 389 -13.97 -17.83 36.98
CA ALA B 389 -14.56 -19.00 36.35
C ALA B 389 -13.58 -19.57 35.35
N PHE B 390 -13.71 -20.87 35.09
CA PHE B 390 -12.87 -21.55 34.11
C PHE B 390 -13.63 -22.77 33.60
N SER B 391 -12.92 -23.66 32.90
CA SER B 391 -13.50 -24.87 32.36
C SER B 391 -12.80 -26.08 32.96
N VAL B 392 -13.59 -27.01 33.51
CA VAL B 392 -13.05 -28.21 34.13
C VAL B 392 -13.18 -29.37 33.14
N LEU B 393 -12.23 -30.29 33.19
CA LEU B 393 -12.16 -31.41 32.27
C LEU B 393 -12.51 -32.71 32.97
N GLU B 394 -12.64 -33.77 32.18
CA GLU B 394 -12.99 -35.07 32.71
C GLU B 394 -11.80 -35.68 33.46
N GLY B 395 -12.09 -36.36 34.57
CA GLY B 395 -11.05 -36.99 35.36
C GLY B 395 -10.50 -36.10 36.44
N VAL B 396 -9.22 -36.28 36.77
CA VAL B 396 -8.53 -35.45 37.76
C VAL B 396 -7.54 -34.56 37.04
N HIS B 397 -7.53 -33.28 37.39
CA HIS B 397 -6.66 -32.31 36.73
C HIS B 397 -6.33 -31.19 37.72
N SER B 398 -5.50 -30.26 37.27
CA SER B 398 -5.15 -29.08 38.05
C SER B 398 -5.27 -27.84 37.18
N TYR B 399 -5.69 -26.74 37.82
CA TYR B 399 -5.90 -25.48 37.12
C TYR B 399 -5.36 -24.34 37.96
N THR B 400 -5.12 -23.21 37.30
CA THR B 400 -4.62 -22.00 37.94
C THR B 400 -5.58 -20.85 37.67
N VAL B 401 -5.83 -20.04 38.69
CA VAL B 401 -6.70 -18.88 38.60
C VAL B 401 -5.99 -17.67 39.17
N SER B 402 -6.53 -16.50 38.88
CA SER B 402 -5.96 -15.23 39.35
C SER B 402 -6.94 -14.57 40.31
N LEU B 403 -6.49 -14.35 41.55
CA LEU B 403 -7.26 -13.65 42.56
C LEU B 403 -6.45 -12.46 43.07
N SER B 404 -7.11 -11.32 43.23
CA SER B 404 -6.46 -10.09 43.65
C SER B 404 -6.75 -9.86 45.13
N PHE B 405 -5.71 -9.98 45.96
CA PHE B 405 -5.82 -9.77 47.39
C PHE B 405 -5.32 -8.36 47.75
N ASP B 406 -5.32 -8.06 49.04
CA ASP B 406 -4.94 -6.72 49.51
C ASP B 406 -3.97 -6.71 50.68
N HIS B 407 -3.89 -7.77 51.49
CA HIS B 407 -3.03 -7.77 52.66
C HIS B 407 -2.00 -8.88 52.57
N ALA B 408 -1.08 -8.89 53.54
CA ALA B 408 0.11 -9.72 53.50
C ALA B 408 -0.09 -11.11 54.09
N VAL B 409 -1.33 -11.60 54.12
CA VAL B 409 -1.61 -12.96 54.59
C VAL B 409 -3.00 -13.34 54.08
N VAL B 410 -3.15 -14.59 53.68
CA VAL B 410 -4.41 -15.08 53.13
C VAL B 410 -4.93 -16.19 54.04
N ASP B 411 -6.13 -16.00 54.58
CA ASP B 411 -6.78 -17.02 55.39
C ASP B 411 -8.28 -17.10 55.13
N GLU B 412 -8.75 -16.56 54.01
CA GLU B 412 -10.17 -16.53 53.72
C GLU B 412 -10.66 -17.92 53.33
N GLN B 413 -11.96 -18.03 53.09
CA GLN B 413 -12.60 -19.27 52.66
C GLN B 413 -13.41 -19.01 51.40
N CYS B 414 -13.32 -19.94 50.45
CA CYS B 414 -14.02 -19.80 49.18
C CYS B 414 -15.24 -20.72 49.14
N GLN B 415 -15.99 -20.62 48.05
CA GLN B 415 -17.26 -21.35 47.88
C GLN B 415 -17.32 -21.97 46.48
N LEU B 416 -16.25 -22.71 46.13
CA LEU B 416 -16.18 -23.33 44.80
C LEU B 416 -17.38 -24.22 44.55
N ASN B 417 -17.93 -24.12 43.34
CA ASN B 417 -19.02 -24.98 42.92
C ASN B 417 -18.97 -25.11 41.40
N CYS B 418 -19.14 -26.34 40.91
CA CYS B 418 -19.21 -26.58 39.47
C CYS B 418 -20.41 -27.49 39.20
N GLY B 419 -21.37 -26.98 38.43
CA GLY B 419 -22.55 -27.72 38.06
C GLY B 419 -23.64 -27.74 39.12
N GLY B 420 -23.51 -28.61 40.12
CA GLY B 420 -24.53 -28.72 41.14
C GLY B 420 -24.03 -29.11 42.52
N HIS B 421 -22.74 -28.95 42.79
CA HIS B 421 -22.11 -29.57 43.96
C HIS B 421 -21.39 -28.54 44.81
N GLU B 422 -22.10 -27.47 45.18
CA GLU B 422 -21.53 -26.43 46.04
C GLU B 422 -20.85 -27.03 47.27
N SER B 423 -19.60 -26.67 47.47
CA SER B 423 -18.78 -27.20 48.55
C SER B 423 -17.94 -26.05 49.11
N GLN B 424 -16.93 -26.39 49.90
CA GLN B 424 -16.06 -25.41 50.51
C GLN B 424 -14.60 -25.80 50.31
N VAL B 425 -13.74 -24.80 50.11
CA VAL B 425 -12.31 -24.97 50.03
C VAL B 425 -11.65 -23.92 50.92
N THR B 426 -10.31 -23.93 50.95
CA THR B 426 -9.54 -23.05 51.80
C THR B 426 -8.42 -22.40 51.01
N LEU B 427 -7.72 -21.46 51.66
CA LEU B 427 -6.58 -20.78 51.08
C LEU B 427 -5.53 -20.53 52.15
N LYS B 428 -4.27 -20.46 51.72
CA LYS B 428 -3.16 -20.22 52.64
C LYS B 428 -1.91 -19.87 51.83
N GLY B 429 -1.10 -18.97 52.36
CA GLY B 429 0.13 -18.60 51.70
C GLY B 429 0.62 -17.25 52.17
N ASN B 430 1.75 -16.84 51.58
CA ASN B 430 2.37 -15.55 51.86
C ASN B 430 2.64 -14.83 50.56
N LEU B 431 2.52 -13.50 50.59
CA LEU B 431 2.63 -12.68 49.39
C LEU B 431 3.56 -11.50 49.63
N ILE B 432 4.17 -11.02 48.56
CA ILE B 432 5.12 -9.92 48.60
C ILE B 432 4.55 -8.76 47.77
N PHE B 433 5.22 -7.61 47.86
CA PHE B 433 4.80 -6.39 47.19
C PHE B 433 5.82 -5.99 46.15
N LEU B 434 5.36 -5.79 44.91
CA LEU B 434 6.21 -5.34 43.80
C LEU B 434 5.55 -4.14 43.14
N ASP B 435 6.31 -3.07 42.97
CA ASP B 435 5.75 -1.80 42.54
C ASP B 435 5.58 -1.76 41.01
N VAL B 436 5.13 -0.60 40.53
CA VAL B 436 4.93 -0.39 39.09
C VAL B 436 6.28 -0.42 38.39
N PRO B 437 6.39 -1.05 37.22
CA PRO B 437 7.68 -1.10 36.53
C PRO B 437 8.17 0.29 36.11
N LYS B 438 9.49 0.44 36.09
CA LYS B 438 10.12 1.69 35.71
C LYS B 438 10.37 1.71 34.20
N PHE B 439 11.16 2.68 33.74
CA PHE B 439 11.51 2.83 32.34
C PHE B 439 13.01 2.60 32.18
N VAL B 440 13.38 1.82 31.17
CA VAL B 440 14.77 1.47 30.89
C VAL B 440 15.05 1.74 29.42
N ASP B 441 16.20 2.37 29.15
CA ASP B 441 16.57 2.71 27.78
C ASP B 441 16.72 1.46 26.94
N GLY B 442 16.43 1.60 25.64
CA GLY B 442 16.50 0.50 24.71
C GLY B 442 15.21 -0.26 24.52
N SER B 443 14.17 0.05 25.30
CA SER B 443 12.88 -0.61 25.19
C SER B 443 11.87 0.36 24.59
N TYR B 444 11.23 -0.05 23.50
CA TYR B 444 10.21 0.76 22.82
C TYR B 444 8.87 0.09 23.08
N MET B 445 8.12 0.64 24.04
CA MET B 445 6.81 0.08 24.35
C MET B 445 5.86 0.28 23.18
N GLN B 446 4.86 -0.61 23.09
CA GLN B 446 3.93 -0.59 21.98
C GLN B 446 2.51 -0.87 22.45
N THR B 447 2.17 -0.46 23.67
CA THR B 447 0.87 -0.77 24.25
C THR B 447 0.42 0.38 25.15
N TYR B 448 -0.89 0.51 25.30
CA TYR B 448 -1.53 1.56 26.08
C TYR B 448 -2.21 0.92 27.29
N HIS B 449 -1.46 0.75 28.37
CA HIS B 449 -2.01 0.12 29.58
C HIS B 449 -3.23 0.89 30.06
N SER B 450 -4.31 0.17 30.35
CA SER B 450 -5.60 0.76 30.64
C SER B 450 -5.93 0.82 32.12
N SER B 451 -4.96 0.54 32.99
CA SER B 451 -5.18 0.63 34.43
C SER B 451 -3.84 0.62 35.15
N VAL B 452 -3.71 1.49 36.14
CA VAL B 452 -2.50 1.54 36.97
C VAL B 452 -2.91 1.72 38.43
N PRO B 453 -2.40 0.89 39.35
CA PRO B 453 -2.82 1.01 40.75
C PRO B 453 -1.98 2.02 41.53
N THR B 454 -2.65 2.99 42.15
CA THR B 454 -1.98 4.01 42.94
C THR B 454 -2.88 4.42 44.09
N GLY B 455 -2.27 5.07 45.09
CA GLY B 455 -2.99 5.58 46.23
C GLY B 455 -2.91 4.75 47.49
N ALA B 456 -2.20 3.62 47.47
CA ALA B 456 -2.07 2.74 48.62
C ALA B 456 -0.61 2.37 48.83
N ASN B 457 0.26 3.39 48.82
CA ASN B 457 1.70 3.18 48.91
C ASN B 457 2.21 3.91 50.16
N ILE B 458 2.11 3.23 51.31
CA ILE B 458 2.65 3.75 52.57
C ILE B 458 3.26 2.62 53.36
N PRO B 459 4.26 2.92 54.18
CA PRO B 459 4.81 1.89 55.07
C PRO B 459 3.78 1.43 56.10
N SER B 460 3.93 0.19 56.54
CA SER B 460 2.93 -0.41 57.42
C SER B 460 3.59 -1.01 58.65
N PRO B 461 2.87 -1.04 59.77
CA PRO B 461 3.38 -1.73 60.97
C PRO B 461 3.09 -3.22 60.91
N THR B 462 3.39 -3.93 62.00
CA THR B 462 3.14 -5.36 62.22
C THR B 462 3.74 -6.24 61.13
N ASP B 463 4.48 -5.66 60.20
CA ASP B 463 5.29 -6.39 59.24
C ASP B 463 6.66 -5.77 59.05
N TRP B 464 6.87 -4.53 59.53
CA TRP B 464 8.16 -3.86 59.44
C TRP B 464 9.20 -4.52 60.33
N LEU B 465 8.77 -5.39 61.25
CA LEU B 465 9.66 -6.02 62.22
C LEU B 465 9.53 -7.53 62.30
N ASN B 466 8.52 -8.14 61.66
CA ASN B 466 8.35 -9.58 61.75
C ASN B 466 9.54 -10.34 61.19
N ALA B 467 10.33 -9.71 60.32
CA ALA B 467 11.63 -10.24 59.91
C ALA B 467 12.78 -9.52 60.59
N LEU B 468 12.49 -8.52 61.42
CA LEU B 468 13.48 -7.83 62.23
C LEU B 468 13.53 -8.33 63.66
N PHE B 469 12.40 -8.78 64.19
CA PHE B 469 12.26 -9.13 65.59
C PHE B 469 11.72 -10.55 65.68
N GLY B 470 11.32 -10.96 66.88
CA GLY B 470 10.73 -12.28 67.07
C GLY B 470 9.27 -12.34 66.65
N ASN B 471 8.44 -12.99 67.47
CA ASN B 471 7.01 -13.13 67.15
C ASN B 471 6.26 -13.28 68.47
N GLY B 472 5.63 -12.20 68.92
CA GLY B 472 4.90 -12.21 70.17
C GLY B 472 4.67 -10.81 70.69
N LEU B 473 3.63 -10.68 71.50
CA LEU B 473 3.26 -9.37 72.03
C LEU B 473 4.34 -8.83 72.98
N SER B 474 4.76 -9.66 73.95
CA SER B 474 5.82 -9.23 74.86
C SER B 474 7.18 -9.27 74.18
N ARG B 475 7.34 -10.12 73.17
CA ARG B 475 8.60 -10.18 72.44
C ARG B 475 8.90 -8.86 71.75
N TRP B 476 7.86 -8.20 71.23
CA TRP B 476 8.05 -6.90 70.58
C TRP B 476 8.64 -5.89 71.57
N ILE B 477 8.05 -5.79 72.77
CA ILE B 477 8.52 -4.83 73.75
C ILE B 477 9.92 -5.18 74.21
N LEU B 478 10.19 -6.47 74.47
CA LEU B 478 11.51 -6.88 74.91
C LEU B 478 12.57 -6.57 73.86
N GLY B 479 12.26 -6.84 72.59
CA GLY B 479 13.20 -6.53 71.52
C GLY B 479 13.40 -5.05 71.35
N VAL B 480 12.35 -4.25 71.51
CA VAL B 480 12.49 -2.80 71.40
C VAL B 480 13.41 -2.27 72.48
N ILE B 481 13.21 -2.73 73.72
CA ILE B 481 14.07 -2.31 74.82
C ILE B 481 15.51 -2.77 74.58
N GLY B 482 15.68 -4.00 74.09
CA GLY B 482 17.01 -4.50 73.81
C GLY B 482 17.73 -3.71 72.74
N VAL B 483 17.02 -3.37 71.65
CA VAL B 483 17.65 -2.63 70.58
C VAL B 483 17.92 -1.19 71.00
N LEU B 484 17.11 -0.64 71.92
CA LEU B 484 17.41 0.68 72.45
C LEU B 484 18.65 0.66 73.33
N LEU B 485 18.79 -0.38 74.17
CA LEU B 485 19.95 -0.49 75.03
C LEU B 485 21.21 -0.87 74.26
N GLY B 486 21.07 -1.52 73.12
CA GLY B 486 22.21 -1.97 72.35
C GLY B 486 22.84 -0.88 71.51
N GLY B 487 23.61 -0.01 72.15
CA GLY B 487 24.30 1.05 71.45
C GLY B 487 24.41 2.34 72.23
N LEU B 488 23.54 2.53 73.22
CA LEU B 488 23.61 3.73 74.05
C LEU B 488 24.92 3.78 74.83
N ALA B 489 25.27 2.68 75.49
CA ALA B 489 26.50 2.64 76.26
C ALA B 489 27.72 2.81 75.35
N LEU B 490 27.70 2.17 74.19
CA LEU B 490 28.81 2.32 73.24
C LEU B 490 28.95 3.75 72.77
N PHE B 491 27.82 4.41 72.46
CA PHE B 491 27.86 5.79 71.99
C PHE B 491 28.38 6.72 73.08
N PHE B 492 27.94 6.53 74.32
CA PHE B 492 28.31 7.44 75.40
C PHE B 492 29.59 7.05 76.10
N LEU B 493 30.23 5.94 75.71
CA LEU B 493 31.56 5.63 76.21
C LEU B 493 32.67 6.24 75.37
N ILE B 494 32.40 6.54 74.09
CA ILE B 494 33.39 7.18 73.23
C ILE B 494 33.56 8.66 73.53
N MET B 495 32.75 9.20 74.44
CA MET B 495 32.88 10.62 74.80
C MET B 495 34.25 10.92 75.41
N SER B 496 34.82 9.95 76.13
CA SER B 496 36.12 10.16 76.76
C SER B 496 37.21 10.39 75.71
N LEU B 497 37.18 9.64 74.62
CA LEU B 497 38.16 9.79 73.55
C LEU B 497 37.73 10.78 72.49
N PHE B 498 36.50 11.28 72.55
CA PHE B 498 36.05 12.26 71.55
C PHE B 498 36.87 13.53 71.61
N LYS B 499 37.19 14.00 72.82
CA LYS B 499 38.05 15.17 72.95
C LYS B 499 39.43 14.93 72.34
N LEU B 500 39.93 13.70 72.43
CA LEU B 500 41.24 13.38 71.88
C LEU B 500 41.33 13.62 70.38
N GLY B 501 40.20 13.59 69.68
CA GLY B 501 40.19 13.89 68.26
C GLY B 501 39.58 15.23 67.95
N THR B 502 38.89 15.82 68.93
CA THR B 502 38.24 17.10 68.74
C THR B 502 39.16 18.29 69.03
N LYS B 503 39.97 18.20 70.08
CA LYS B 503 40.77 19.33 70.52
C LYS B 503 42.15 19.39 69.89
N GLN B 504 42.47 18.47 68.97
CA GLN B 504 43.76 18.52 68.30
C GLN B 504 43.90 19.78 67.44
N VAL B 505 42.82 20.16 66.75
CA VAL B 505 42.86 21.35 65.91
C VAL B 505 42.79 22.63 66.71
N PHE B 506 42.30 22.57 67.95
CA PHE B 506 42.14 23.76 68.79
C PHE B 506 43.18 23.85 69.90
N ARG B 507 44.21 23.00 69.86
CA ARG B 507 45.27 23.02 70.88
C ARG B 507 46.61 22.82 70.18
N SER B 508 47.64 22.53 70.98
CA SER B 508 48.98 22.38 70.44
C SER B 508 49.05 21.18 69.50
N ARG B 509 49.78 21.34 68.40
CA ARG B 509 49.92 20.30 67.40
C ARG B 509 50.81 19.17 67.91
C1 NAG C . 1.92 -14.57 -63.59
C2 NAG C . 3.35 -14.49 -63.09
C3 NAG C . 4.17 -13.57 -63.99
C4 NAG C . 4.04 -13.99 -65.45
C5 NAG C . 2.58 -14.19 -65.85
C6 NAG C . 2.42 -14.79 -67.22
C7 NAG C . 3.77 -14.82 -60.69
C8 NAG C . 4.13 -16.23 -61.04
N2 NAG C . 3.40 -14.04 -61.71
O3 NAG C . 5.53 -13.60 -63.58
O4 NAG C . 4.59 -12.97 -66.29
O5 NAG C . 1.91 -15.06 -64.92
O6 NAG C . 3.56 -15.57 -67.58
O7 NAG C . 3.79 -14.41 -59.54
C1 NAG C . 5.93 -13.28 -66.68
C2 NAG C . 6.09 -12.96 -68.17
C3 NAG C . 7.53 -13.21 -68.61
C4 NAG C . 8.50 -12.44 -67.73
C5 NAG C . 8.24 -12.79 -66.26
C6 NAG C . 9.09 -11.96 -65.31
C7 NAG C . 4.49 -13.22 -70.00
C8 NAG C . 3.57 -14.17 -70.72
N2 NAG C . 5.16 -13.73 -68.97
O3 NAG C . 7.68 -12.79 -69.96
O4 NAG C . 9.84 -12.78 -68.07
O5 NAG C . 6.87 -12.52 -65.92
O6 NAG C . 8.31 -11.01 -64.61
O7 NAG C . 4.62 -12.05 -70.35
C1 NAG D . -10.03 -13.00 -75.65
C2 NAG D . -9.75 -14.44 -76.09
C3 NAG D . -9.22 -14.45 -77.53
C4 NAG D . -10.17 -13.68 -78.45
C5 NAG D . -10.41 -12.28 -77.91
C6 NAG D . -11.42 -11.51 -78.71
C7 NAG D . -8.96 -16.36 -74.77
C8 NAG D . -10.20 -17.07 -75.24
N2 NAG D . -8.82 -15.09 -75.20
O3 NAG D . -9.09 -15.79 -77.98
O4 NAG D . -9.60 -13.59 -79.75
O5 NAG D . -10.92 -12.36 -76.57
O6 NAG D . -11.80 -10.30 -78.05
O7 NAG D . -8.15 -16.89 -74.01
C1 NAG E . 2.68 -24.48 43.40
C2 NAG E . 4.18 -24.67 43.23
C3 NAG E . 4.52 -25.03 41.78
C4 NAG E . 3.67 -26.22 41.33
C5 NAG E . 2.20 -25.96 41.59
C6 NAG E . 1.32 -27.15 41.28
C7 NAG E . 5.32 -23.25 44.88
C8 NAG E . 6.06 -21.97 45.12
N2 NAG E . 4.92 -23.48 43.62
O3 NAG E . 5.90 -25.34 41.66
O4 NAG E . 3.87 -26.46 39.94
O5 NAG E . 2.00 -25.65 42.97
O6 NAG E . 0.41 -26.86 40.23
O7 NAG E . 5.11 -24.06 45.78
C1 NAG F . 6.73 19.38 6.36
C2 NAG F . 5.32 19.90 6.68
C3 NAG F . 5.30 21.42 6.86
C4 NAG F . 6.41 21.86 7.81
C5 NAG F . 7.73 21.32 7.29
C6 NAG F . 8.92 21.66 8.14
C7 NAG F . 3.13 19.15 5.85
C8 NAG F . 2.34 18.76 4.65
N2 NAG F . 4.40 19.51 5.63
O3 NAG F . 4.03 21.80 7.36
O4 NAG F . 6.49 23.27 7.91
O5 NAG F . 7.64 19.90 7.26
O6 NAG F . 8.77 22.92 8.78
O7 NAG F . 2.66 19.14 6.98
C1 NAG G . -16.06 -33.09 27.36
C2 NAG G . -16.62 -33.55 26.01
C3 NAG G . -15.60 -34.43 25.28
C4 NAG G . -14.26 -33.72 25.18
C5 NAG G . -13.79 -33.27 26.55
C6 NAG G . -12.52 -32.46 26.50
C7 NAG G . -18.82 -34.29 25.23
C8 NAG G . -20.06 -35.06 25.57
N2 NAG G . -17.88 -34.25 26.18
O3 NAG G . -16.09 -34.74 23.98
O4 NAG G . -13.29 -34.60 24.61
O5 NAG G . -14.80 -32.43 27.15
O6 NAG G . -12.79 -31.07 26.33
O7 NAG G . -18.68 -33.74 24.14
#